data_1ZLA
#
_entry.id   1ZLA
#
_cell.length_a   106.162
_cell.length_b   109.599
_cell.length_c   182.237
_cell.angle_alpha   90.00
_cell.angle_beta   90.00
_cell.angle_gamma   90.00
#
_symmetry.space_group_name_H-M   'P 21 21 21'
#
loop_
_entity.id
_entity.type
_entity.pdbx_description
1 polymer 'Palindromic 146bp Human alpha-Satellite DNA fragment'
2 polymer 'histone H3'
3 polymer 'Histone H4'
4 polymer 'Xenopus laevis-like histone H2A'
5 polymer 'histone H2B'
6 polymer 'latent nuclear antigen'
7 water water
#
loop_
_entity_poly.entity_id
_entity_poly.type
_entity_poly.pdbx_seq_one_letter_code
_entity_poly.pdbx_strand_id
1 'polydeoxyribonucleotide'
;(DA)(DT)(DC)(DA)(DA)(DT)(DA)(DT)(DC)(DC)(DA)(DC)(DC)(DT)(DG)(DC)(DA)(DG)(DA)(DT)
(DT)(DC)(DT)(DA)(DC)(DC)(DA)(DA)(DA)(DA)(DG)(DT)(DG)(DT)(DA)(DT)(DT)(DT)(DG)(DG)
(DA)(DA)(DA)(DC)(DT)(DG)(DC)(DT)(DC)(DC)(DA)(DT)(DC)(DA)(DA)(DA)(DA)(DG)(DG)(DC)
(DA)(DT)(DG)(DT)(DT)(DC)(DA)(DG)(DC)(DG)(DG)(DA)(DA)(DT)(DT)(DC)(DC)(DG)(DC)(DT)
(DG)(DA)(DA)(DC)(DA)(DT)(DG)(DC)(DC)(DT)(DT)(DT)(DT)(DG)(DA)(DT)(DG)(DG)(DA)(DG)
(DC)(DA)(DG)(DT)(DT)(DT)(DC)(DC)(DA)(DA)(DA)(DT)(DA)(DC)(DA)(DC)(DT)(DT)(DT)(DT)
(DG)(DG)(DT)(DA)(DG)(DA)(DA)(DT)(DC)(DT)(DG)(DC)(DA)(DG)(DG)(DT)(DG)(DG)(DA)(DT)
(DA)(DT)(DT)(DG)(DA)(DT)
;
I,J
2 'polypeptide(L)'
;ARTKQTARKSTGGKAPRKQLATKAARKSAPATGGVKKPHRYRPGTVALREIRRYQKSTELLIRKLPFQRLVREIAQDFKT
DLRFQSSAVMALQEASEAYLVALFEDTNLCAIHAKRVHIMPKDIQLARRIRGERA
;
A,E
3 'polypeptide(L)'
;SGRGKGGKGLGKGGAKRHRKVLRDNIQGITKPAIRRLARRGGVKRISGLIYEETRGVLKVFLENVIRDAVTYTEHAKRKT
VTAMDVVYALKRQGRTLYGFGG
;
B,F
4 'polypeptide(L)'
;SGRGKQGGKTRAKAKTRSSRAGLQFPVGRVHRLLRKGNYAERVGAGAPVYLAAVLEYLTAEILELAGNWERDNKKTRIIP
RHLQLAVRNDEELNKLLGRVTIAQGGVLPNIQSVLLPKKTESSKSTKSK
;
C,G
5 'polypeptide(L)'
;PDPAKSAPAAKKGSKKAVTKTQKKDGKKRRKSRKESYAIYVYKVLKQVHPDTGISSKAMSIMNSFVNDVFERIAGEASRL
AHYNKRSTITSREIQTAVRLLLPGELAKHAVSEGTKAVTKYTSAK
;
D,H
6 'polypeptide(L)' MAPPGMRLRSGRSTGAPLTRGS K
#
# COMPACT_ATOMS: atom_id res chain seq x y z
N PRO C 38 -45.59 -24.93 -17.88
CA PRO C 38 -44.40 -24.97 -16.99
C PRO C 38 -43.02 -24.86 -17.69
N HIS C 39 -42.75 -23.63 -18.14
CA HIS C 39 -41.37 -23.47 -18.52
C HIS C 39 -40.57 -23.45 -17.26
N ARG C 40 -39.28 -23.74 -17.29
CA ARG C 40 -38.50 -23.84 -16.07
C ARG C 40 -37.01 -23.86 -16.39
N TYR C 41 -36.30 -22.75 -16.22
CA TYR C 41 -34.88 -22.69 -16.51
C TYR C 41 -34.05 -23.64 -15.65
N ARG C 42 -33.13 -24.37 -16.26
CA ARG C 42 -32.33 -25.29 -15.45
C ARG C 42 -31.41 -24.53 -14.49
N PRO C 43 -31.08 -25.14 -13.33
CA PRO C 43 -30.21 -24.49 -12.35
C PRO C 43 -29.03 -23.81 -13.02
N GLY C 44 -28.67 -22.63 -12.53
CA GLY C 44 -27.53 -21.92 -13.11
C GLY C 44 -27.76 -21.09 -14.36
N THR C 45 -28.94 -21.19 -14.99
CA THR C 45 -29.22 -20.41 -16.19
C THR C 45 -29.55 -18.98 -15.86
N VAL C 46 -30.31 -18.80 -14.78
CA VAL C 46 -30.70 -17.46 -14.37
C VAL C 46 -29.57 -16.76 -13.65
N ALA C 47 -28.79 -17.52 -12.88
CA ALA C 47 -27.66 -16.94 -12.14
C ALA C 47 -26.71 -16.38 -13.18
N LEU C 48 -26.57 -17.11 -14.28
CA LEU C 48 -25.72 -16.72 -15.38
C LEU C 48 -26.33 -15.46 -16.01
N ARG C 49 -27.65 -15.40 -16.02
CA ARG C 49 -28.37 -14.26 -16.58
C ARG C 49 -28.07 -13.04 -15.71
N GLU C 50 -28.21 -13.21 -14.40
CA GLU C 50 -27.96 -12.13 -13.47
C GLU C 50 -26.50 -11.68 -13.54
N ILE C 51 -25.57 -12.62 -13.59
CA ILE C 51 -24.18 -12.20 -13.67
C ILE C 51 -24.05 -11.25 -14.86
N ARG C 52 -24.63 -11.63 -16.00
CA ARG C 52 -24.55 -10.76 -17.17
C ARG C 52 -25.13 -9.40 -16.81
N ARG C 53 -26.33 -9.41 -16.24
CA ARG C 53 -27.03 -8.21 -15.85
C ARG C 53 -26.23 -7.27 -14.96
N TYR C 54 -25.94 -7.73 -13.75
CA TYR C 54 -25.21 -6.90 -12.79
C TYR C 54 -23.79 -6.46 -13.16
N GLN C 55 -23.12 -7.13 -14.09
CA GLN C 55 -21.79 -6.68 -14.45
C GLN C 55 -21.91 -5.58 -15.51
N LYS C 56 -23.16 -5.28 -15.86
CA LYS C 56 -23.47 -4.28 -16.86
C LYS C 56 -23.85 -2.97 -16.23
N SER C 57 -24.62 -3.03 -15.14
CA SER C 57 -25.08 -1.85 -14.44
C SER C 57 -24.09 -1.36 -13.39
N THR C 58 -24.42 -0.25 -12.73
CA THR C 58 -23.53 0.30 -11.71
C THR C 58 -24.19 0.54 -10.35
N GLU C 59 -25.52 0.53 -10.32
CA GLU C 59 -26.27 0.77 -9.08
C GLU C 59 -25.89 -0.10 -7.88
N LEU C 60 -25.96 0.50 -6.69
CA LEU C 60 -25.65 -0.22 -5.47
C LEU C 60 -26.67 -1.35 -5.34
N LEU C 61 -26.24 -2.46 -4.75
CA LEU C 61 -27.11 -3.62 -4.65
C LEU C 61 -27.62 -3.89 -3.23
N ILE C 62 -27.14 -3.12 -2.27
CA ILE C 62 -27.60 -3.27 -0.90
C ILE C 62 -28.62 -2.15 -0.67
N ARG C 63 -29.77 -2.46 -0.08
CA ARG C 63 -30.76 -1.41 0.15
C ARG C 63 -30.20 -0.33 1.05
N LYS C 64 -30.35 0.92 0.62
CA LYS C 64 -29.80 2.06 1.35
C LYS C 64 -30.12 2.21 2.85
N LEU C 65 -31.39 2.12 3.22
CA LEU C 65 -31.78 2.28 4.61
C LEU C 65 -31.22 1.20 5.56
N PRO C 66 -31.28 -0.07 5.16
CA PRO C 66 -30.74 -1.07 6.09
C PRO C 66 -29.28 -0.72 6.31
N PHE C 67 -28.59 -0.47 5.19
CA PHE C 67 -27.19 -0.12 5.24
C PHE C 67 -27.00 1.09 6.16
N GLN C 68 -27.77 2.15 5.90
CA GLN C 68 -27.72 3.37 6.68
C GLN C 68 -27.88 3.09 8.17
N ARG C 69 -28.67 2.08 8.52
CA ARG C 69 -28.85 1.74 9.94
C ARG C 69 -27.59 1.06 10.47
N LEU C 70 -27.12 0.07 9.73
CA LEU C 70 -25.92 -0.68 10.11
C LEU C 70 -24.74 0.25 10.33
N VAL C 71 -24.59 1.26 9.48
CA VAL C 71 -23.49 2.19 9.63
C VAL C 71 -23.57 2.94 10.94
N ARG C 72 -24.68 3.62 11.16
CA ARG C 72 -24.86 4.40 12.38
C ARG C 72 -24.69 3.52 13.61
N GLU C 73 -25.28 2.33 13.58
CA GLU C 73 -25.21 1.39 14.68
C GLU C 73 -23.78 1.13 15.06
N ILE C 74 -22.97 0.79 14.06
CA ILE C 74 -21.56 0.50 14.28
C ILE C 74 -20.78 1.70 14.77
N ALA C 75 -21.11 2.88 14.25
CA ALA C 75 -20.43 4.09 14.65
C ALA C 75 -20.80 4.51 16.07
N GLN C 76 -22.03 4.20 16.47
CA GLN C 76 -22.49 4.55 17.81
C GLN C 76 -21.57 3.96 18.85
N ASP C 77 -20.74 2.99 18.48
CA ASP C 77 -19.82 2.41 19.46
C ASP C 77 -18.53 3.20 19.54
N PHE C 78 -18.35 4.20 18.69
CA PHE C 78 -17.12 4.97 18.70
C PHE C 78 -17.40 6.37 19.24
N LYS C 79 -18.62 6.84 19.04
CA LYS C 79 -19.01 8.13 19.55
C LYS C 79 -20.53 8.18 19.55
N THR C 80 -21.08 8.55 20.69
CA THR C 80 -22.50 8.67 20.86
C THR C 80 -23.02 9.92 20.15
N ASP C 81 -24.31 9.90 19.81
CA ASP C 81 -24.96 11.03 19.14
C ASP C 81 -24.12 11.60 18.03
N LEU C 82 -24.20 10.94 16.88
CA LEU C 82 -23.47 11.38 15.70
C LEU C 82 -24.40 11.68 14.54
N ARG C 83 -23.87 12.36 13.53
CA ARG C 83 -24.65 12.69 12.37
C ARG C 83 -23.77 12.41 11.17
N PHE C 84 -24.37 11.91 10.10
CA PHE C 84 -23.64 11.58 8.89
C PHE C 84 -24.18 12.39 7.71
N GLN C 85 -23.31 13.07 6.99
CA GLN C 85 -23.76 13.79 5.81
C GLN C 85 -24.32 12.66 4.91
N SER C 86 -25.36 12.94 4.13
CA SER C 86 -25.91 11.90 3.29
C SER C 86 -24.82 11.42 2.35
N SER C 87 -23.81 12.24 2.15
CA SER C 87 -22.71 11.88 1.26
C SER C 87 -21.74 10.90 1.90
N ALA C 88 -21.43 11.11 3.17
CA ALA C 88 -20.53 10.21 3.86
C ALA C 88 -21.08 8.78 3.85
N VAL C 89 -22.40 8.66 3.95
CA VAL C 89 -22.96 7.32 3.94
C VAL C 89 -22.80 6.73 2.54
N MET C 90 -23.15 7.52 1.53
CA MET C 90 -23.04 7.04 0.16
C MET C 90 -21.62 6.64 -0.15
N ALA C 91 -20.64 7.41 0.32
CA ALA C 91 -19.25 7.09 0.05
C ALA C 91 -18.98 5.75 0.71
N LEU C 92 -19.34 5.67 1.99
CA LEU C 92 -19.16 4.45 2.75
C LEU C 92 -19.80 3.23 2.08
N GLN C 93 -21.00 3.38 1.52
CA GLN C 93 -21.64 2.24 0.88
C GLN C 93 -20.93 1.87 -0.40
N GLU C 94 -20.47 2.89 -1.10
CA GLU C 94 -19.77 2.68 -2.35
C GLU C 94 -18.48 1.92 -2.13
N ALA C 95 -17.74 2.28 -1.09
CA ALA C 95 -16.48 1.63 -0.79
C ALA C 95 -16.72 0.16 -0.46
N SER C 96 -17.74 -0.08 0.34
CA SER C 96 -18.11 -1.42 0.78
C SER C 96 -18.56 -2.35 -0.34
N GLU C 97 -19.46 -1.88 -1.19
CA GLU C 97 -19.92 -2.76 -2.24
C GLU C 97 -18.76 -3.13 -3.15
N ALA C 98 -17.94 -2.16 -3.50
CA ALA C 98 -16.79 -2.42 -4.36
C ALA C 98 -15.85 -3.39 -3.66
N TYR C 99 -15.76 -3.27 -2.35
CA TYR C 99 -14.88 -4.15 -1.61
C TYR C 99 -15.44 -5.55 -1.68
N LEU C 100 -16.69 -5.71 -1.27
CA LEU C 100 -17.28 -7.04 -1.27
C LEU C 100 -17.22 -7.65 -2.67
N VAL C 101 -17.68 -6.91 -3.68
CA VAL C 101 -17.70 -7.40 -5.05
C VAL C 101 -16.36 -8.00 -5.46
N ALA C 102 -15.32 -7.23 -5.23
CA ALA C 102 -13.98 -7.66 -5.55
C ALA C 102 -13.57 -8.86 -4.71
N LEU C 103 -14.06 -8.95 -3.47
CA LEU C 103 -13.72 -10.08 -2.61
C LEU C 103 -14.39 -11.36 -3.12
N PHE C 104 -15.53 -11.20 -3.77
CA PHE C 104 -16.25 -12.33 -4.34
C PHE C 104 -15.47 -12.83 -5.56
N GLU C 105 -14.89 -11.90 -6.31
CA GLU C 105 -14.09 -12.29 -7.47
C GLU C 105 -12.95 -13.21 -7.05
N ASP C 106 -12.19 -12.80 -6.04
CA ASP C 106 -11.08 -13.59 -5.56
C ASP C 106 -11.58 -14.87 -4.90
N THR C 107 -12.78 -14.80 -4.31
CA THR C 107 -13.34 -15.98 -3.67
C THR C 107 -13.71 -17.02 -4.74
N ASN C 108 -14.32 -16.54 -5.82
CA ASN C 108 -14.69 -17.41 -6.91
C ASN C 108 -13.42 -18.06 -7.42
N LEU C 109 -12.33 -17.30 -7.48
CA LEU C 109 -11.08 -17.86 -7.95
C LEU C 109 -10.64 -19.00 -7.07
N CYS C 110 -10.74 -18.83 -5.75
CA CYS C 110 -10.36 -19.90 -4.85
C CYS C 110 -11.27 -21.11 -5.03
N ALA C 111 -12.56 -20.88 -5.17
CA ALA C 111 -13.48 -21.99 -5.36
C ALA C 111 -13.09 -22.75 -6.64
N ILE C 112 -12.90 -22.00 -7.71
CA ILE C 112 -12.54 -22.66 -8.95
C ILE C 112 -11.20 -23.37 -8.77
N HIS C 113 -10.32 -22.80 -7.98
CA HIS C 113 -9.03 -23.43 -7.79
C HIS C 113 -9.18 -24.85 -7.27
N ALA C 114 -10.11 -25.05 -6.35
CA ALA C 114 -10.34 -26.38 -5.78
C ALA C 114 -11.38 -27.15 -6.61
N LYS C 115 -11.39 -26.84 -7.90
CA LYS C 115 -12.25 -27.51 -8.86
C LYS C 115 -13.73 -27.50 -8.50
N ARG C 116 -14.18 -26.40 -7.91
CA ARG C 116 -15.59 -26.25 -7.56
C ARG C 116 -16.15 -25.10 -8.38
N VAL C 117 -17.43 -24.84 -8.18
CA VAL C 117 -18.12 -23.75 -8.86
C VAL C 117 -18.99 -23.13 -7.82
N HIS C 118 -18.62 -23.35 -6.56
CA HIS C 118 -19.34 -22.83 -5.42
C HIS C 118 -18.44 -22.04 -4.51
N ILE C 119 -18.81 -20.81 -4.23
CA ILE C 119 -18.00 -20.03 -3.31
C ILE C 119 -18.48 -20.43 -1.92
N MET C 120 -17.54 -20.88 -1.10
CA MET C 120 -17.80 -21.32 0.27
C MET C 120 -17.10 -20.43 1.28
N PRO C 121 -17.48 -20.54 2.55
CA PRO C 121 -16.86 -19.73 3.59
C PRO C 121 -15.36 -19.86 3.55
N LYS C 122 -14.88 -21.09 3.46
CA LYS C 122 -13.45 -21.31 3.43
C LYS C 122 -12.86 -20.58 2.23
N ASP C 123 -13.60 -20.51 1.12
CA ASP C 123 -13.09 -19.80 -0.04
C ASP C 123 -12.87 -18.34 0.31
N ILE C 124 -13.85 -17.71 0.96
CA ILE C 124 -13.69 -16.30 1.35
C ILE C 124 -12.53 -16.20 2.33
N GLN C 125 -12.39 -17.20 3.18
CA GLN C 125 -11.33 -17.20 4.17
C GLN C 125 -9.93 -17.24 3.55
N LEU C 126 -9.71 -18.20 2.67
CA LEU C 126 -8.42 -18.34 2.00
C LEU C 126 -8.07 -17.06 1.29
N ALA C 127 -9.07 -16.45 0.65
CA ALA C 127 -8.87 -15.22 -0.07
C ALA C 127 -8.47 -14.05 0.86
N ARG C 128 -9.26 -13.83 1.90
CA ARG C 128 -8.93 -12.75 2.81
C ARG C 128 -7.59 -12.99 3.49
N ARG C 129 -7.27 -14.27 3.70
CA ARG C 129 -6.01 -14.63 4.32
C ARG C 129 -4.82 -14.17 3.45
N ILE C 130 -4.81 -14.60 2.19
CA ILE C 130 -3.73 -14.24 1.26
C ILE C 130 -3.64 -12.74 1.08
N ARG C 131 -4.79 -12.09 1.15
CA ARG C 131 -4.88 -10.64 1.01
C ARG C 131 -4.19 -9.91 2.16
N GLY C 132 -3.92 -10.62 3.25
CA GLY C 132 -3.29 -9.99 4.40
C GLY C 132 -4.27 -9.42 5.40
N GLU C 133 -5.56 -9.67 5.19
CA GLU C 133 -6.59 -9.18 6.10
C GLU C 133 -6.75 -10.09 7.30
N ARG C 134 -6.42 -11.37 7.13
CA ARG C 134 -6.57 -12.38 8.19
C ARG C 134 -5.30 -12.74 8.96
N ALA C 135 -4.40 -13.49 8.32
CA ALA C 135 -3.16 -13.89 8.97
C ALA C 135 -2.03 -14.20 7.98
N ASP D 24 -31.15 -8.16 14.30
CA ASP D 24 -30.32 -6.91 14.41
C ASP D 24 -30.39 -6.14 13.09
N ASN D 25 -29.44 -5.22 12.88
CA ASN D 25 -29.35 -4.40 11.68
C ASN D 25 -28.43 -5.04 10.62
N ILE D 26 -27.46 -5.82 11.09
CA ILE D 26 -26.53 -6.51 10.21
C ILE D 26 -27.29 -7.54 9.40
N GLN D 27 -28.31 -8.13 10.02
CA GLN D 27 -29.15 -9.11 9.36
C GLN D 27 -30.03 -8.38 8.35
N GLY D 28 -30.01 -7.05 8.45
CA GLY D 28 -30.77 -6.22 7.53
C GLY D 28 -30.13 -6.26 6.17
N ILE D 29 -28.87 -6.70 6.11
CA ILE D 29 -28.15 -6.81 4.84
C ILE D 29 -28.55 -8.20 4.38
N THR D 30 -29.71 -8.27 3.73
CA THR D 30 -30.32 -9.51 3.26
C THR D 30 -29.58 -10.42 2.28
N LYS D 31 -30.08 -11.65 2.19
CA LYS D 31 -29.54 -12.67 1.30
C LYS D 31 -29.55 -12.19 -0.16
N PRO D 32 -30.71 -11.73 -0.64
CA PRO D 32 -30.83 -11.23 -2.02
C PRO D 32 -29.78 -10.18 -2.40
N ALA D 33 -29.41 -9.33 -1.45
CA ALA D 33 -28.41 -8.28 -1.69
C ALA D 33 -27.02 -8.91 -1.82
N ILE D 34 -26.70 -9.82 -0.91
CA ILE D 34 -25.41 -10.50 -0.96
C ILE D 34 -25.36 -11.36 -2.21
N ARG D 35 -26.51 -11.80 -2.68
CA ARG D 35 -26.52 -12.59 -3.89
C ARG D 35 -26.17 -11.63 -5.04
N ARG D 36 -26.84 -10.48 -5.11
CA ARG D 36 -26.54 -9.52 -6.17
C ARG D 36 -25.07 -9.12 -6.17
N LEU D 37 -24.53 -8.80 -5.00
CA LEU D 37 -23.12 -8.44 -4.90
C LEU D 37 -22.31 -9.55 -5.52
N ALA D 38 -22.46 -10.75 -4.95
CA ALA D 38 -21.78 -11.95 -5.45
C ALA D 38 -21.86 -12.08 -6.98
N ARG D 39 -23.06 -11.88 -7.51
CA ARG D 39 -23.27 -11.97 -8.94
C ARG D 39 -22.36 -11.02 -9.69
N ARG D 40 -22.32 -9.77 -9.25
CA ARG D 40 -21.49 -8.73 -9.88
C ARG D 40 -20.01 -9.15 -9.90
N GLY D 41 -19.66 -10.08 -9.01
CA GLY D 41 -18.28 -10.55 -8.95
C GLY D 41 -18.04 -11.87 -9.68
N GLY D 42 -19.01 -12.30 -10.48
CA GLY D 42 -18.87 -13.52 -11.24
C GLY D 42 -19.33 -14.81 -10.57
N VAL D 43 -19.83 -14.73 -9.35
CA VAL D 43 -20.29 -15.92 -8.61
C VAL D 43 -21.54 -16.60 -9.18
N LYS D 44 -21.44 -17.89 -9.51
CA LYS D 44 -22.58 -18.60 -10.07
C LYS D 44 -23.35 -19.48 -9.09
N ARG D 45 -22.65 -20.07 -8.12
CA ARG D 45 -23.28 -20.95 -7.12
C ARG D 45 -22.90 -20.47 -5.74
N ILE D 46 -23.90 -20.32 -4.86
CA ILE D 46 -23.63 -19.82 -3.54
C ILE D 46 -24.04 -20.69 -2.35
N SER D 47 -23.05 -21.26 -1.68
CA SER D 47 -23.26 -22.10 -0.49
C SER D 47 -24.03 -21.33 0.58
N GLY D 48 -25.01 -22.00 1.19
CA GLY D 48 -25.82 -21.36 2.21
C GLY D 48 -25.07 -20.71 3.36
N LEU D 49 -23.93 -21.28 3.73
CA LEU D 49 -23.16 -20.75 4.83
C LEU D 49 -22.46 -19.43 4.48
N ILE D 50 -22.56 -19.02 3.22
CA ILE D 50 -21.93 -17.79 2.74
C ILE D 50 -22.51 -16.50 3.31
N TYR D 51 -23.83 -16.38 3.26
CA TYR D 51 -24.47 -15.17 3.75
C TYR D 51 -23.99 -14.77 5.13
N GLU D 52 -24.02 -15.66 6.10
CA GLU D 52 -23.55 -15.28 7.42
C GLU D 52 -22.08 -14.85 7.37
N GLU D 53 -21.24 -15.62 6.69
CA GLU D 53 -19.83 -15.27 6.60
C GLU D 53 -19.66 -13.88 5.99
N THR D 54 -20.46 -13.57 4.97
CA THR D 54 -20.38 -12.28 4.30
C THR D 54 -20.66 -11.10 5.23
N ARG D 55 -21.78 -11.18 5.95
CA ARG D 55 -22.15 -10.11 6.87
C ARG D 55 -21.02 -9.85 7.86
N GLY D 56 -20.38 -10.92 8.30
CA GLY D 56 -19.30 -10.78 9.25
C GLY D 56 -18.18 -9.96 8.68
N VAL D 57 -17.82 -10.28 7.44
CA VAL D 57 -16.76 -9.61 6.72
C VAL D 57 -17.14 -8.15 6.49
N LEU D 58 -18.38 -7.90 6.07
CA LEU D 58 -18.81 -6.54 5.82
C LEU D 58 -18.77 -5.72 7.09
N LYS D 59 -19.12 -6.34 8.22
CA LYS D 59 -19.08 -5.63 9.48
C LYS D 59 -17.65 -5.23 9.80
N VAL D 60 -16.72 -6.17 9.75
CA VAL D 60 -15.32 -5.87 10.04
C VAL D 60 -14.84 -4.73 9.14
N PHE D 61 -15.34 -4.70 7.91
CA PHE D 61 -14.96 -3.65 6.98
C PHE D 61 -15.43 -2.31 7.55
N LEU D 62 -16.73 -2.15 7.68
CA LEU D 62 -17.29 -0.91 8.18
C LEU D 62 -16.68 -0.44 9.52
N GLU D 63 -16.39 -1.37 10.42
CA GLU D 63 -15.80 -1.00 11.70
C GLU D 63 -14.45 -0.33 11.52
N ASN D 64 -13.57 -0.94 10.72
CA ASN D 64 -12.25 -0.38 10.46
C ASN D 64 -12.27 0.99 9.82
N VAL D 65 -13.18 1.19 8.88
CA VAL D 65 -13.29 2.45 8.15
C VAL D 65 -13.93 3.54 9.01
N ILE D 66 -15.10 3.24 9.55
CA ILE D 66 -15.82 4.19 10.38
C ILE D 66 -14.97 4.65 11.56
N ARG D 67 -14.35 3.68 12.23
CA ARG D 67 -13.50 3.97 13.36
C ARG D 67 -12.56 5.10 12.99
N ASP D 68 -11.78 4.90 11.92
CA ASP D 68 -10.84 5.93 11.49
C ASP D 68 -11.55 7.24 11.11
N ALA D 69 -12.61 7.13 10.32
CA ALA D 69 -13.39 8.31 9.88
C ALA D 69 -13.84 9.15 11.07
N VAL D 70 -14.47 8.50 12.04
CA VAL D 70 -14.94 9.17 13.23
C VAL D 70 -13.79 9.81 13.99
N THR D 71 -12.63 9.17 13.96
CA THR D 71 -11.45 9.70 14.62
C THR D 71 -11.04 11.03 14.01
N TYR D 72 -11.38 11.22 12.74
CA TYR D 72 -11.07 12.48 12.09
C TYR D 72 -12.14 13.44 12.55
N THR D 73 -13.39 12.98 12.59
CA THR D 73 -14.48 13.83 13.04
C THR D 73 -14.17 14.42 14.40
N GLU D 74 -13.88 13.56 15.37
CA GLU D 74 -13.57 14.02 16.71
C GLU D 74 -12.43 15.01 16.71
N HIS D 75 -11.39 14.72 15.96
CA HIS D 75 -10.24 15.59 15.91
C HIS D 75 -10.59 16.98 15.39
N ALA D 76 -11.70 17.08 14.69
CA ALA D 76 -12.11 18.36 14.15
C ALA D 76 -13.29 18.90 14.94
N LYS D 77 -13.39 18.47 16.19
CA LYS D 77 -14.43 18.90 17.10
C LYS D 77 -15.83 18.98 16.47
N ARG D 78 -16.20 17.98 15.68
CA ARG D 78 -17.52 17.96 15.06
C ARG D 78 -18.38 16.81 15.57
N LYS D 79 -19.66 16.83 15.21
CA LYS D 79 -20.59 15.79 15.63
C LYS D 79 -21.20 15.17 14.38
N THR D 80 -20.67 15.58 13.23
CA THR D 80 -21.15 15.09 11.96
C THR D 80 -20.01 14.52 11.12
N VAL D 81 -20.07 13.22 10.83
CA VAL D 81 -19.06 12.58 10.00
C VAL D 81 -19.28 13.10 8.59
N THR D 82 -18.23 13.60 7.94
CA THR D 82 -18.37 14.13 6.58
C THR D 82 -17.87 13.16 5.52
N ALA D 83 -18.25 13.41 4.28
CA ALA D 83 -17.81 12.53 3.21
C ALA D 83 -16.28 12.52 3.24
N MET D 84 -15.67 13.69 3.43
CA MET D 84 -14.21 13.78 3.49
C MET D 84 -13.66 12.98 4.65
N ASP D 85 -14.35 13.03 5.78
CA ASP D 85 -13.92 12.25 6.93
C ASP D 85 -13.78 10.79 6.51
N VAL D 86 -14.65 10.37 5.58
CA VAL D 86 -14.68 9.00 5.05
C VAL D 86 -13.62 8.84 3.97
N VAL D 87 -13.63 9.73 3.00
CA VAL D 87 -12.64 9.68 1.92
C VAL D 87 -11.24 9.54 2.50
N TYR D 88 -11.01 10.23 3.62
CA TYR D 88 -9.72 10.19 4.29
C TYR D 88 -9.44 8.82 4.93
N ALA D 89 -10.39 8.31 5.72
CA ALA D 89 -10.20 7.03 6.37
C ALA D 89 -9.89 6.02 5.29
N LEU D 90 -10.77 5.96 4.30
CA LEU D 90 -10.58 5.03 3.20
C LEU D 90 -9.18 5.17 2.62
N LYS D 91 -8.74 6.39 2.35
CA LYS D 91 -7.41 6.56 1.78
C LYS D 91 -6.31 5.90 2.60
N ARG D 92 -6.31 6.10 3.91
CA ARG D 92 -5.27 5.49 4.72
C ARG D 92 -5.50 4.00 4.95
N GLN D 93 -6.71 3.52 4.65
CA GLN D 93 -6.99 2.09 4.79
C GLN D 93 -6.42 1.48 3.53
N GLY D 94 -6.05 2.32 2.58
CA GLY D 94 -5.50 1.83 1.34
C GLY D 94 -6.59 1.47 0.35
N ARG D 95 -7.73 2.14 0.45
CA ARG D 95 -8.87 1.88 -0.43
C ARG D 95 -9.42 3.17 -0.99
N THR D 96 -8.57 3.97 -1.61
CA THR D 96 -8.96 5.26 -2.17
C THR D 96 -10.26 5.27 -2.98
N LEU D 97 -11.07 6.30 -2.78
CA LEU D 97 -12.34 6.45 -3.46
C LEU D 97 -12.43 7.77 -4.22
N TYR D 98 -12.75 7.71 -5.51
CA TYR D 98 -12.90 8.92 -6.31
C TYR D 98 -14.39 9.20 -6.40
N GLY D 99 -14.74 10.47 -6.25
CA GLY D 99 -16.14 10.85 -6.37
C GLY D 99 -16.76 11.66 -5.25
N PHE D 100 -16.11 11.73 -4.10
CA PHE D 100 -16.71 12.46 -3.00
C PHE D 100 -15.83 13.56 -2.41
N GLY D 101 -14.90 14.07 -3.21
CA GLY D 101 -14.03 15.14 -2.73
C GLY D 101 -12.54 14.89 -2.83
N GLY D 102 -11.91 15.50 -3.84
CA GLY D 102 -10.47 15.38 -4.07
C GLY D 102 -9.70 14.40 -3.20
N ALA E 14 20.37 24.49 33.85
CA ALA E 14 20.11 23.95 32.49
C ALA E 14 19.58 22.51 32.54
N LYS E 15 18.39 22.31 32.01
CA LYS E 15 17.78 21.00 32.00
C LYS E 15 17.30 20.60 30.63
N THR E 16 17.64 19.38 30.22
CA THR E 16 17.22 18.87 28.93
C THR E 16 15.70 18.87 28.96
N ARG E 17 15.08 19.25 27.86
CA ARG E 17 13.63 19.26 27.81
C ARG E 17 13.14 17.84 28.13
N SER E 18 13.97 16.86 27.81
CA SER E 18 13.65 15.47 28.04
C SER E 18 13.44 15.19 29.53
N SER E 19 14.41 15.59 30.35
CA SER E 19 14.28 15.39 31.79
C SER E 19 13.04 16.11 32.30
N ARG E 20 12.78 17.30 31.76
CA ARG E 20 11.60 18.08 32.16
C ARG E 20 10.32 17.26 31.92
N ALA E 21 10.31 16.48 30.84
CA ALA E 21 9.16 15.67 30.47
C ALA E 21 9.20 14.28 31.11
N GLY E 22 10.34 13.94 31.70
CA GLY E 22 10.49 12.65 32.35
C GLY E 22 10.79 11.53 31.36
N LEU E 23 11.43 11.89 30.25
CA LEU E 23 11.75 10.93 29.20
C LEU E 23 13.22 10.61 28.98
N GLN E 24 13.46 9.40 28.49
CA GLN E 24 14.81 8.96 28.16
C GLN E 24 15.12 9.45 26.75
N PHE E 25 14.17 9.27 25.83
CA PHE E 25 14.33 9.71 24.44
C PHE E 25 14.50 11.22 24.34
N PRO E 26 15.35 11.69 23.41
CA PRO E 26 15.64 13.11 23.19
C PRO E 26 14.52 13.94 22.59
N VAL E 27 13.94 14.80 23.41
CA VAL E 27 12.86 15.67 22.97
C VAL E 27 13.37 16.71 22.00
N GLY E 28 14.61 17.14 22.17
CA GLY E 28 15.18 18.14 21.29
C GLY E 28 15.41 17.63 19.89
N ARG E 29 16.04 16.46 19.81
CA ARG E 29 16.32 15.84 18.53
C ARG E 29 15.00 15.66 17.75
N VAL E 30 14.02 15.10 18.43
CA VAL E 30 12.70 14.86 17.82
C VAL E 30 12.04 16.17 17.38
N HIS E 31 12.17 17.22 18.20
CA HIS E 31 11.58 18.50 17.85
C HIS E 31 12.30 18.98 16.60
N ARG E 32 13.59 18.72 16.57
CA ARG E 32 14.41 19.13 15.45
C ARG E 32 13.98 18.44 14.18
N LEU E 33 13.94 17.10 14.21
CA LEU E 33 13.56 16.32 13.04
C LEU E 33 12.16 16.63 12.50
N LEU E 34 11.22 17.00 13.37
CA LEU E 34 9.87 17.34 12.92
C LEU E 34 9.92 18.59 12.03
N ARG E 35 10.81 19.51 12.37
CA ARG E 35 10.98 20.73 11.62
C ARG E 35 11.56 20.38 10.26
N LYS E 36 12.79 19.86 10.29
CA LYS E 36 13.48 19.51 9.06
C LYS E 36 12.69 18.55 8.17
N GLY E 37 11.75 17.83 8.76
CA GLY E 37 10.99 16.89 7.97
C GLY E 37 9.90 17.48 7.11
N ASN E 38 9.59 18.76 7.35
CA ASN E 38 8.54 19.44 6.61
C ASN E 38 7.18 18.77 6.69
N TYR E 39 6.59 18.83 7.89
CA TYR E 39 5.30 18.22 8.10
C TYR E 39 4.24 19.31 8.24
N ALA E 40 4.68 20.49 8.65
CA ALA E 40 3.79 21.64 8.82
C ALA E 40 4.61 22.91 8.93
N GLU E 41 3.95 24.06 8.80
CA GLU E 41 4.65 25.31 8.92
C GLU E 41 5.34 25.38 10.26
N ARG E 42 4.55 25.29 11.33
CA ARG E 42 5.07 25.38 12.70
C ARG E 42 4.93 24.06 13.44
N VAL E 43 5.53 23.98 14.62
CA VAL E 43 5.46 22.80 15.46
C VAL E 43 5.43 23.14 16.94
N GLY E 44 4.25 23.02 17.57
CA GLY E 44 4.14 23.32 18.98
C GLY E 44 5.11 22.51 19.83
N ALA E 45 5.43 23.02 21.01
CA ALA E 45 6.37 22.34 21.92
C ALA E 45 5.83 21.04 22.51
N GLY E 46 4.53 20.84 22.41
CA GLY E 46 3.94 19.63 22.95
C GLY E 46 4.21 18.47 22.02
N ALA E 47 4.21 18.75 20.73
CA ALA E 47 4.43 17.74 19.71
C ALA E 47 5.63 16.85 20.01
N PRO E 48 6.83 17.43 20.02
CA PRO E 48 8.02 16.61 20.30
C PRO E 48 7.94 15.84 21.63
N VAL E 49 7.47 16.50 22.68
CA VAL E 49 7.38 15.83 23.96
C VAL E 49 6.57 14.56 23.78
N TYR E 50 5.35 14.75 23.30
CA TYR E 50 4.41 13.66 23.07
C TYR E 50 4.90 12.60 22.10
N LEU E 51 5.56 12.99 21.02
CA LEU E 51 6.01 12.01 20.06
C LEU E 51 7.18 11.22 20.62
N ALA E 52 8.17 11.90 21.18
CA ALA E 52 9.32 11.23 21.74
C ALA E 52 8.90 10.16 22.75
N ALA E 53 7.80 10.42 23.44
CA ALA E 53 7.29 9.47 24.43
C ALA E 53 6.76 8.23 23.72
N VAL E 54 5.79 8.41 22.83
CA VAL E 54 5.21 7.31 22.09
C VAL E 54 6.31 6.44 21.47
N LEU E 55 7.40 7.08 21.05
CA LEU E 55 8.51 6.34 20.46
C LEU E 55 9.24 5.56 21.56
N GLU E 56 9.54 6.23 22.66
CA GLU E 56 10.23 5.60 23.79
C GLU E 56 9.36 4.51 24.41
N TYR E 57 8.05 4.71 24.39
CA TYR E 57 7.16 3.72 24.96
C TYR E 57 7.20 2.46 24.14
N LEU E 58 7.15 2.62 22.82
CA LEU E 58 7.15 1.50 21.88
C LEU E 58 8.45 0.70 21.85
N THR E 59 9.58 1.38 22.01
CA THR E 59 10.83 0.62 21.98
C THR E 59 10.92 -0.20 23.26
N ALA E 60 10.34 0.33 24.34
CA ALA E 60 10.36 -0.38 25.62
C ALA E 60 9.52 -1.62 25.48
N GLU E 61 8.40 -1.49 24.79
CA GLU E 61 7.47 -2.58 24.56
C GLU E 61 8.08 -3.72 23.76
N ILE E 62 8.75 -3.38 22.67
CA ILE E 62 9.36 -4.40 21.82
C ILE E 62 10.63 -4.99 22.46
N LEU E 63 11.34 -4.20 23.25
CA LEU E 63 12.55 -4.70 23.91
C LEU E 63 12.17 -5.60 25.06
N GLU E 64 11.02 -5.34 25.67
CA GLU E 64 10.56 -6.17 26.78
C GLU E 64 10.38 -7.57 26.22
N LEU E 65 9.61 -7.66 25.15
CA LEU E 65 9.33 -8.93 24.52
C LEU E 65 10.55 -9.64 23.93
N ALA E 66 11.43 -8.89 23.26
CA ALA E 66 12.63 -9.49 22.67
C ALA E 66 13.49 -10.07 23.78
N GLY E 67 13.81 -9.23 24.76
CA GLY E 67 14.60 -9.69 25.87
C GLY E 67 14.07 -11.03 26.39
N ASN E 68 12.74 -11.17 26.43
CA ASN E 68 12.16 -12.41 26.92
C ASN E 68 12.45 -13.53 25.93
N TRP E 69 12.36 -13.21 24.65
CA TRP E 69 12.60 -14.22 23.64
C TRP E 69 14.06 -14.63 23.79
N GLU E 70 14.92 -13.66 24.10
CA GLU E 70 16.32 -13.98 24.27
C GLU E 70 16.42 -14.95 25.42
N ARG E 71 15.83 -14.59 26.55
CA ARG E 71 15.86 -15.45 27.73
C ARG E 71 15.35 -16.84 27.39
N ASP E 72 14.18 -16.90 26.75
CA ASP E 72 13.61 -18.20 26.41
C ASP E 72 14.61 -19.06 25.65
N ASN E 73 15.48 -18.43 24.87
CA ASN E 73 16.48 -19.16 24.08
C ASN E 73 17.81 -19.30 24.79
N LYS E 74 17.82 -19.07 26.10
CA LYS E 74 19.06 -19.18 26.85
C LYS E 74 20.16 -18.24 26.31
N LYS E 75 19.76 -17.08 25.80
CA LYS E 75 20.69 -16.09 25.28
C LYS E 75 20.61 -14.78 26.06
N THR E 76 21.78 -14.17 26.24
CA THR E 76 21.94 -12.92 26.97
C THR E 76 21.76 -11.70 26.08
N ARG E 77 22.19 -11.85 24.83
CA ARG E 77 22.14 -10.76 23.87
C ARG E 77 21.04 -10.89 22.85
N ILE E 78 20.18 -9.87 22.81
CA ILE E 78 19.08 -9.81 21.87
C ILE E 78 19.68 -9.71 20.48
N ILE E 79 19.09 -10.43 19.52
CA ILE E 79 19.54 -10.39 18.13
C ILE E 79 18.27 -10.22 17.30
N PRO E 80 18.41 -10.04 15.98
CA PRO E 80 17.22 -9.86 15.14
C PRO E 80 16.12 -10.90 15.32
N ARG E 81 16.48 -12.18 15.34
CA ARG E 81 15.49 -13.23 15.49
C ARG E 81 14.64 -12.98 16.73
N HIS E 82 15.26 -12.56 17.83
CA HIS E 82 14.50 -12.29 19.05
C HIS E 82 13.50 -11.19 18.75
N LEU E 83 13.96 -10.17 18.02
CA LEU E 83 13.07 -9.09 17.63
C LEU E 83 11.92 -9.67 16.76
N GLN E 84 12.22 -10.55 15.80
CA GLN E 84 11.18 -11.14 14.98
C GLN E 84 10.21 -12.00 15.83
N LEU E 85 10.75 -12.88 16.68
CA LEU E 85 9.88 -13.72 17.51
C LEU E 85 8.96 -12.83 18.32
N ALA E 86 9.54 -11.84 18.98
CA ALA E 86 8.77 -10.91 19.80
C ALA E 86 7.64 -10.26 19.00
N VAL E 87 7.99 -9.68 17.86
CA VAL E 87 7.01 -9.01 17.05
C VAL E 87 5.94 -9.93 16.44
N ARG E 88 6.35 -11.01 15.80
CA ARG E 88 5.39 -11.88 15.17
C ARG E 88 4.59 -12.68 16.17
N ASN E 89 4.99 -12.69 17.43
CA ASN E 89 4.21 -13.45 18.41
C ASN E 89 3.25 -12.58 19.21
N ASP E 90 3.18 -11.30 18.83
CA ASP E 90 2.32 -10.34 19.49
C ASP E 90 1.36 -9.72 18.48
N GLU E 91 0.09 -10.13 18.55
CA GLU E 91 -0.93 -9.62 17.64
C GLU E 91 -0.74 -8.18 17.24
N GLU E 92 -0.67 -7.30 18.24
CA GLU E 92 -0.55 -5.86 18.02
C GLU E 92 0.70 -5.41 17.29
N LEU E 93 1.87 -5.81 17.75
CA LEU E 93 3.09 -5.41 17.05
C LEU E 93 3.11 -6.04 15.65
N ASN E 94 2.69 -7.31 15.56
CA ASN E 94 2.67 -7.96 14.28
C ASN E 94 1.93 -7.14 13.23
N LYS E 95 0.81 -6.53 13.63
CA LYS E 95 0.06 -5.69 12.73
C LYS E 95 0.81 -4.36 12.48
N LEU E 96 1.25 -3.71 13.54
CA LEU E 96 1.96 -2.45 13.37
C LEU E 96 3.16 -2.58 12.42
N LEU E 97 3.68 -3.80 12.29
CA LEU E 97 4.84 -4.05 11.43
C LEU E 97 4.53 -5.10 10.36
N GLY E 98 3.23 -5.31 10.11
CA GLY E 98 2.77 -6.28 9.13
C GLY E 98 3.32 -6.19 7.70
N ARG E 99 3.91 -5.06 7.35
CA ARG E 99 4.47 -4.89 6.02
C ARG E 99 5.93 -4.51 6.18
N VAL E 100 6.53 -4.96 7.28
CA VAL E 100 7.92 -4.68 7.52
C VAL E 100 8.66 -5.99 7.52
N THR E 101 9.91 -5.97 7.09
CA THR E 101 10.69 -7.20 7.09
C THR E 101 11.89 -6.97 7.98
N ILE E 102 12.08 -7.85 8.95
CA ILE E 102 13.24 -7.70 9.83
C ILE E 102 14.38 -8.54 9.28
N ALA E 103 15.39 -7.90 8.72
CA ALA E 103 16.51 -8.64 8.18
C ALA E 103 16.98 -9.66 9.22
N GLN E 104 17.46 -10.81 8.75
CA GLN E 104 17.97 -11.88 9.60
C GLN E 104 17.04 -12.39 10.70
N GLY E 105 15.73 -12.26 10.51
CA GLY E 105 14.81 -12.68 11.54
C GLY E 105 14.06 -14.00 11.35
N GLY E 106 14.31 -14.69 10.25
CA GLY E 106 13.62 -15.95 10.03
C GLY E 106 12.10 -15.87 10.10
N VAL E 107 11.48 -16.98 10.43
CA VAL E 107 10.02 -17.02 10.55
C VAL E 107 9.62 -17.84 11.75
N LEU E 108 8.36 -17.75 12.15
CA LEU E 108 7.91 -18.51 13.32
C LEU E 108 7.71 -20.00 12.97
N PRO E 109 8.24 -20.90 13.81
CA PRO E 109 8.07 -22.33 13.53
C PRO E 109 6.58 -22.55 13.38
N ASN E 110 6.16 -23.07 12.23
CA ASN E 110 4.74 -23.29 12.00
C ASN E 110 4.52 -24.19 10.81
N ILE E 111 3.90 -25.36 11.05
CA ILE E 111 3.62 -26.37 10.02
C ILE E 111 2.13 -26.68 9.94
N GLN E 112 1.55 -26.67 8.75
CA GLN E 112 0.12 -26.97 8.61
C GLN E 112 -0.13 -28.42 8.98
N SER E 113 -1.21 -28.66 9.72
CA SER E 113 -1.61 -29.98 10.19
C SER E 113 -1.65 -31.09 9.16
N VAL E 114 -2.37 -30.87 8.06
CA VAL E 114 -2.49 -31.88 7.03
C VAL E 114 -1.17 -32.44 6.61
N LEU E 115 -0.10 -31.75 6.95
CA LEU E 115 1.24 -32.13 6.56
C LEU E 115 1.91 -33.12 7.53
N LEU E 116 1.40 -33.17 8.76
CA LEU E 116 1.89 -34.10 9.77
C LEU E 116 1.50 -35.57 9.45
N PRO E 117 2.35 -36.56 9.90
CA PRO E 117 2.08 -37.94 9.68
C PRO E 117 0.80 -38.61 10.39
N LYS E 118 0.33 -39.73 9.89
CA LYS E 118 -0.70 -40.51 10.61
C LYS E 118 -2.16 -39.95 10.74
N LYS E 119 -2.87 -40.58 11.74
CA LYS E 119 -4.28 -40.33 12.09
C LYS E 119 -4.55 -40.57 13.58
N THR E 120 -5.07 -41.75 13.91
CA THR E 120 -5.38 -42.15 15.29
C THR E 120 -4.65 -41.36 16.37
N ARG F 33 28.28 14.01 10.65
CA ARG F 33 28.20 12.89 11.63
C ARG F 33 26.86 12.18 11.51
N LYS F 34 26.85 10.86 11.61
CA LYS F 34 25.59 10.11 11.50
C LYS F 34 24.93 9.85 12.85
N GLU F 35 23.78 10.47 13.06
CA GLU F 35 23.03 10.32 14.30
C GLU F 35 22.28 9.00 14.36
N SER F 36 21.87 8.61 15.56
CA SER F 36 21.15 7.38 15.81
C SER F 36 20.40 7.42 17.15
N TYR F 37 19.49 6.48 17.36
CA TYR F 37 18.74 6.42 18.62
C TYR F 37 19.37 5.38 19.55
N ALA F 38 20.45 4.76 19.09
CA ALA F 38 21.15 3.71 19.82
C ALA F 38 21.35 3.83 21.35
N ILE F 39 21.78 4.99 21.85
CA ILE F 39 21.97 5.13 23.30
C ILE F 39 20.64 5.17 24.06
N TYR F 40 19.63 5.78 23.44
CA TYR F 40 18.32 5.88 24.05
C TYR F 40 17.64 4.51 24.01
N VAL F 41 17.92 3.75 22.97
CA VAL F 41 17.35 2.42 22.87
C VAL F 41 18.03 1.66 23.98
N TYR F 42 19.33 1.89 24.13
CA TYR F 42 20.12 1.22 25.13
C TYR F 42 19.68 1.54 26.56
N LYS F 43 19.44 2.82 26.83
CA LYS F 43 19.00 3.17 28.17
C LYS F 43 17.74 2.36 28.43
N VAL F 44 16.75 2.54 27.58
CA VAL F 44 15.50 1.82 27.73
C VAL F 44 15.71 0.32 27.87
N LEU F 45 16.67 -0.22 27.11
CA LEU F 45 16.92 -1.63 27.17
C LEU F 45 17.28 -2.00 28.59
N LYS F 46 18.17 -1.21 29.20
CA LYS F 46 18.60 -1.49 30.57
C LYS F 46 17.53 -1.28 31.60
N GLN F 47 16.47 -0.55 31.26
CA GLN F 47 15.39 -0.35 32.20
C GLN F 47 14.54 -1.61 32.27
N VAL F 48 14.11 -2.11 31.11
CA VAL F 48 13.26 -3.29 31.07
C VAL F 48 13.94 -4.62 31.39
N HIS F 49 15.18 -4.75 30.95
CA HIS F 49 15.98 -5.95 31.16
C HIS F 49 17.40 -5.51 31.49
N PRO F 50 17.67 -5.25 32.77
CA PRO F 50 18.97 -4.80 33.25
C PRO F 50 20.17 -5.65 32.86
N ASP F 51 20.00 -6.94 32.62
CA ASP F 51 21.17 -7.73 32.29
C ASP F 51 21.19 -8.31 30.88
N THR F 52 20.53 -7.62 29.97
CA THR F 52 20.47 -8.09 28.60
C THR F 52 21.17 -7.13 27.63
N GLY F 53 21.98 -7.68 26.75
CA GLY F 53 22.67 -6.85 25.77
C GLY F 53 21.91 -6.81 24.46
N ILE F 54 22.53 -6.27 23.42
CA ILE F 54 21.90 -6.21 22.11
C ILE F 54 22.99 -6.09 21.05
N SER F 55 22.94 -6.99 20.07
CA SER F 55 23.92 -7.03 18.97
C SER F 55 23.72 -5.84 18.07
N SER F 56 24.75 -5.43 17.35
CA SER F 56 24.63 -4.28 16.48
C SER F 56 23.55 -4.49 15.44
N LYS F 57 23.46 -5.70 14.88
CA LYS F 57 22.42 -5.89 13.88
C LYS F 57 21.07 -5.66 14.53
N ALA F 58 20.88 -6.19 15.74
CA ALA F 58 19.61 -5.99 16.45
C ALA F 58 19.38 -4.50 16.66
N MET F 59 20.39 -3.80 17.16
CA MET F 59 20.29 -2.36 17.40
C MET F 59 19.92 -1.65 16.12
N SER F 60 20.46 -2.11 15.00
CA SER F 60 20.15 -1.47 13.74
C SER F 60 18.67 -1.62 13.43
N ILE F 61 18.14 -2.82 13.62
CA ILE F 61 16.70 -3.02 13.39
C ILE F 61 15.90 -2.05 14.25
N MET F 62 16.30 -1.94 15.52
CA MET F 62 15.65 -1.03 16.43
C MET F 62 15.75 0.40 15.90
N ASN F 63 16.90 0.73 15.35
CA ASN F 63 17.07 2.08 14.84
C ASN F 63 16.13 2.34 13.69
N SER F 64 15.94 1.34 12.83
CA SER F 64 15.03 1.46 11.71
C SER F 64 13.61 1.53 12.26
N PHE F 65 13.33 0.73 13.29
CA PHE F 65 12.02 0.70 13.89
C PHE F 65 11.55 2.09 14.26
N VAL F 66 12.31 2.75 15.13
CA VAL F 66 11.94 4.10 15.57
C VAL F 66 11.76 5.09 14.42
N ASN F 67 12.75 5.20 13.54
CA ASN F 67 12.64 6.12 12.42
C ASN F 67 11.39 5.80 11.68
N ASP F 68 11.09 4.51 11.57
CA ASP F 68 9.89 4.12 10.85
C ASP F 68 8.65 4.73 11.48
N VAL F 69 8.35 4.35 12.71
CA VAL F 69 7.19 4.88 13.40
C VAL F 69 7.27 6.43 13.48
N PHE F 70 8.48 6.96 13.64
CA PHE F 70 8.66 8.40 13.72
C PHE F 70 8.03 9.01 12.47
N GLU F 71 8.45 8.49 11.31
CA GLU F 71 7.98 8.99 10.02
C GLU F 71 6.46 8.87 9.89
N ARG F 72 5.95 7.67 10.11
CA ARG F 72 4.52 7.44 9.97
C ARG F 72 3.64 8.36 10.80
N ILE F 73 3.99 8.53 12.08
CA ILE F 73 3.21 9.41 12.94
C ILE F 73 3.30 10.85 12.43
N ALA F 74 4.51 11.30 12.12
CA ALA F 74 4.67 12.66 11.62
C ALA F 74 3.84 12.84 10.33
N GLY F 75 3.83 11.79 9.51
CA GLY F 75 3.09 11.86 8.27
C GLY F 75 1.61 12.00 8.51
N GLU F 76 1.08 11.12 9.36
CA GLU F 76 -0.32 11.18 9.68
C GLU F 76 -0.58 12.57 10.25
N ALA F 77 0.28 13.01 11.16
CA ALA F 77 0.13 14.31 11.77
C ALA F 77 0.13 15.39 10.67
N SER F 78 1.07 15.26 9.75
CA SER F 78 1.18 16.22 8.66
C SER F 78 -0.16 16.38 7.95
N ARG F 79 -0.73 15.26 7.50
CA ARG F 79 -2.00 15.24 6.79
C ARG F 79 -3.20 15.67 7.63
N LEU F 80 -3.21 15.30 8.89
CA LEU F 80 -4.28 15.69 9.77
C LEU F 80 -4.36 17.23 9.83
N ALA F 81 -3.18 17.86 10.02
CA ALA F 81 -3.07 19.31 10.09
C ALA F 81 -3.62 19.96 8.82
N HIS F 82 -3.24 19.41 7.67
CA HIS F 82 -3.71 19.97 6.41
C HIS F 82 -5.20 19.80 6.26
N TYR F 83 -5.68 18.57 6.37
CA TYR F 83 -7.11 18.35 6.25
C TYR F 83 -7.88 19.41 7.04
N ASN F 84 -7.32 19.83 8.17
CA ASN F 84 -7.95 20.83 9.02
C ASN F 84 -7.38 22.22 8.92
N LYS F 85 -6.81 22.53 7.77
CA LYS F 85 -6.24 23.86 7.52
C LYS F 85 -5.53 24.48 8.71
N ARG F 86 -4.59 23.74 9.29
CA ARG F 86 -3.81 24.21 10.43
C ARG F 86 -2.35 24.18 9.99
N SER F 87 -1.57 25.17 10.39
CA SER F 87 -0.16 25.19 9.99
C SER F 87 0.78 24.67 11.07
N THR F 88 0.21 24.26 12.20
CA THR F 88 1.04 23.77 13.30
C THR F 88 0.69 22.35 13.72
N ILE F 89 1.71 21.56 14.06
CA ILE F 89 1.45 20.22 14.53
C ILE F 89 1.61 20.28 16.05
N THR F 90 0.48 20.22 16.76
CA THR F 90 0.49 20.25 18.21
C THR F 90 0.46 18.82 18.75
N SER F 91 0.60 18.71 20.06
CA SER F 91 0.59 17.41 20.70
C SER F 91 -0.70 16.72 20.25
N ARG F 92 -1.77 17.50 20.15
CA ARG F 92 -3.07 16.99 19.74
C ARG F 92 -3.05 16.28 18.39
N GLU F 93 -2.41 16.86 17.38
CA GLU F 93 -2.35 16.19 16.08
C GLU F 93 -1.62 14.88 16.32
N ILE F 94 -0.43 14.95 16.94
CA ILE F 94 0.35 13.75 17.22
C ILE F 94 -0.51 12.67 17.89
N GLN F 95 -1.35 13.07 18.83
CA GLN F 95 -2.17 12.09 19.50
C GLN F 95 -3.13 11.40 18.57
N THR F 96 -3.93 12.17 17.84
CA THR F 96 -4.88 11.57 16.91
C THR F 96 -4.09 10.67 15.97
N ALA F 97 -2.91 11.12 15.57
CA ALA F 97 -2.09 10.33 14.67
C ALA F 97 -1.80 8.97 15.29
N VAL F 98 -1.35 8.99 16.55
CA VAL F 98 -1.06 7.77 17.27
C VAL F 98 -2.28 6.85 17.34
N ARG F 99 -3.47 7.45 17.36
CA ARG F 99 -4.69 6.67 17.45
C ARG F 99 -5.07 6.04 16.12
N LEU F 100 -4.81 6.75 15.03
CA LEU F 100 -5.13 6.22 13.70
C LEU F 100 -4.14 5.15 13.29
N LEU F 101 -2.90 5.29 13.76
CA LEU F 101 -1.84 4.37 13.40
C LEU F 101 -1.58 3.13 14.27
N LEU F 102 -1.61 3.27 15.59
CA LEU F 102 -1.36 2.14 16.47
C LEU F 102 -2.59 1.29 16.74
N PRO F 103 -2.43 -0.03 16.85
CA PRO F 103 -3.51 -0.98 17.11
C PRO F 103 -4.06 -0.75 18.51
N GLY F 104 -5.27 -1.21 18.76
CA GLY F 104 -6.00 -1.05 20.02
C GLY F 104 -5.19 -0.74 21.30
N GLU F 105 -4.71 -1.76 22.01
CA GLU F 105 -4.04 -1.55 23.27
C GLU F 105 -2.83 -0.62 23.19
N LEU F 106 -1.88 -0.94 22.31
CA LEU F 106 -0.68 -0.14 22.14
C LEU F 106 -1.00 1.36 22.08
N ALA F 107 -2.10 1.68 21.42
CA ALA F 107 -2.52 3.05 21.28
C ALA F 107 -3.01 3.63 22.59
N LYS F 108 -3.79 2.85 23.34
CA LYS F 108 -4.29 3.32 24.62
C LYS F 108 -3.13 3.67 25.54
N HIS F 109 -2.09 2.85 25.50
CA HIS F 109 -0.91 3.07 26.33
C HIS F 109 0.02 4.14 25.77
N ALA F 110 0.08 4.24 24.44
CA ALA F 110 0.90 5.27 23.82
C ALA F 110 0.31 6.63 24.23
N VAL F 111 -0.99 6.80 24.05
CA VAL F 111 -1.66 8.05 24.41
C VAL F 111 -1.38 8.40 25.87
N SER F 112 -1.51 7.41 26.74
CA SER F 112 -1.24 7.62 28.16
C SER F 112 0.15 8.21 28.29
N GLU F 113 1.14 7.42 27.93
CA GLU F 113 2.52 7.87 28.00
C GLU F 113 2.69 9.27 27.43
N GLY F 114 1.96 9.55 26.35
CA GLY F 114 2.06 10.86 25.73
C GLY F 114 1.47 11.97 26.57
N THR F 115 0.19 11.83 26.90
CA THR F 115 -0.48 12.84 27.71
C THR F 115 0.33 13.13 28.95
N LYS F 116 0.72 12.06 29.63
CA LYS F 116 1.50 12.15 30.86
C LYS F 116 2.79 12.95 30.62
N ALA F 117 3.55 12.59 29.60
CA ALA F 117 4.80 13.28 29.31
C ALA F 117 4.63 14.78 29.07
N VAL F 118 3.67 15.13 28.20
CA VAL F 118 3.46 16.55 27.91
C VAL F 118 3.12 17.31 29.18
N THR F 119 2.15 16.80 29.94
CA THR F 119 1.74 17.41 31.21
C THR F 119 2.95 17.69 32.10
N LYS F 120 3.68 16.65 32.49
CA LYS F 120 4.85 16.87 33.33
C LYS F 120 5.73 17.96 32.72
N TYR F 121 6.02 17.85 31.43
CA TYR F 121 6.85 18.83 30.72
C TYR F 121 6.35 20.25 30.91
N THR F 122 5.04 20.43 30.77
CA THR F 122 4.41 21.73 30.91
C THR F 122 4.61 22.28 32.30
N SER F 123 4.23 21.51 33.36
CA SER F 123 4.31 22.01 34.72
C SER F 123 5.77 22.08 35.24
N ALA F 124 6.74 21.92 34.32
CA ALA F 124 8.20 21.85 34.56
C ALA F 124 8.88 23.20 34.78
N LYS F 125 8.14 24.28 34.63
CA LYS F 125 8.69 25.62 34.75
C LYS F 125 7.73 26.56 35.47
N PRO G 38 19.70 -52.08 5.46
CA PRO G 38 19.61 -50.90 4.55
C PRO G 38 18.46 -50.01 4.98
N HIS G 39 18.79 -48.95 5.71
CA HIS G 39 17.79 -48.01 6.22
C HIS G 39 17.30 -47.05 5.15
N ARG G 40 16.11 -46.49 5.37
CA ARG G 40 15.50 -45.56 4.42
C ARG G 40 14.20 -44.95 4.96
N TYR G 41 14.20 -43.62 5.10
CA TYR G 41 13.03 -42.89 5.60
C TYR G 41 11.92 -42.80 4.57
N ARG G 42 10.68 -42.95 5.04
CA ARG G 42 9.54 -42.84 4.15
C ARG G 42 9.52 -41.43 3.54
N PRO G 43 9.02 -41.29 2.31
CA PRO G 43 8.98 -39.97 1.69
C PRO G 43 8.15 -39.01 2.51
N GLY G 44 8.77 -37.89 2.89
CA GLY G 44 8.08 -36.88 3.65
C GLY G 44 8.67 -36.65 5.03
N THR G 45 9.37 -37.65 5.52
CA THR G 45 9.98 -37.57 6.83
C THR G 45 11.11 -36.55 6.83
N VAL G 46 12.01 -36.67 5.86
CA VAL G 46 13.12 -35.73 5.79
C VAL G 46 12.59 -34.33 5.50
N ALA G 47 11.58 -34.25 4.62
CA ALA G 47 10.98 -32.97 4.25
C ALA G 47 10.47 -32.27 5.50
N LEU G 48 9.82 -33.02 6.37
CA LEU G 48 9.31 -32.44 7.61
C LEU G 48 10.49 -32.06 8.49
N ARG G 49 11.55 -32.85 8.44
CA ARG G 49 12.72 -32.50 9.24
C ARG G 49 13.24 -31.15 8.73
N GLU G 50 13.25 -30.99 7.41
CA GLU G 50 13.77 -29.75 6.85
C GLU G 50 12.93 -28.53 7.24
N ILE G 51 11.61 -28.64 7.15
CA ILE G 51 10.77 -27.51 7.53
C ILE G 51 11.08 -27.09 8.99
N ARG G 52 11.13 -28.05 9.89
CA ARG G 52 11.41 -27.72 11.28
C ARG G 52 12.78 -27.05 11.38
N ARG G 53 13.74 -27.54 10.61
CA ARG G 53 15.08 -26.99 10.66
C ARG G 53 15.16 -25.57 10.13
N TYR G 54 14.77 -25.38 8.87
CA TYR G 54 14.86 -24.06 8.29
C TYR G 54 13.97 -23.03 8.96
N GLN G 55 12.91 -23.50 9.61
CA GLN G 55 12.03 -22.58 10.31
C GLN G 55 12.65 -22.15 11.64
N LYS G 56 13.76 -22.79 11.98
CA LYS G 56 14.44 -22.49 13.23
C LYS G 56 15.59 -21.50 12.98
N SER G 57 16.16 -21.52 11.79
CA SER G 57 17.28 -20.63 11.50
C SER G 57 16.88 -19.38 10.75
N THR G 58 17.82 -18.45 10.64
CA THR G 58 17.56 -17.20 9.95
C THR G 58 18.65 -16.86 8.96
N GLU G 59 19.46 -17.83 8.56
CA GLU G 59 20.53 -17.56 7.61
C GLU G 59 19.89 -17.58 6.23
N LEU G 60 20.51 -16.91 5.26
CA LEU G 60 19.97 -16.89 3.90
C LEU G 60 20.14 -18.25 3.24
N LEU G 61 19.16 -18.64 2.44
CA LEU G 61 19.19 -19.93 1.78
C LEU G 61 19.66 -19.92 0.33
N ILE G 62 19.96 -18.76 -0.24
CA ILE G 62 20.43 -18.74 -1.61
C ILE G 62 21.93 -18.47 -1.56
N ARG G 63 22.70 -19.16 -2.40
CA ARG G 63 24.15 -18.99 -2.44
C ARG G 63 24.45 -17.51 -2.64
N LYS G 64 25.36 -16.93 -1.85
CA LYS G 64 25.67 -15.50 -1.97
C LYS G 64 26.26 -15.04 -3.28
N LEU G 65 27.43 -15.53 -3.64
CA LEU G 65 28.02 -15.11 -4.90
C LEU G 65 27.03 -15.22 -6.06
N PRO G 66 26.34 -16.36 -6.17
CA PRO G 66 25.39 -16.52 -7.26
C PRO G 66 24.35 -15.42 -7.28
N PHE G 67 23.73 -15.16 -6.15
CA PHE G 67 22.70 -14.14 -6.07
C PHE G 67 23.23 -12.78 -6.53
N GLN G 68 24.45 -12.47 -6.10
CA GLN G 68 25.09 -11.20 -6.45
C GLN G 68 25.14 -10.96 -7.96
N ARG G 69 25.51 -12.00 -8.73
CA ARG G 69 25.57 -11.90 -10.18
C ARG G 69 24.20 -11.61 -10.76
N LEU G 70 23.22 -12.41 -10.35
CA LEU G 70 21.85 -12.22 -10.83
C LEU G 70 21.51 -10.72 -10.69
N VAL G 71 21.89 -10.15 -9.56
CA VAL G 71 21.63 -8.75 -9.28
C VAL G 71 22.44 -7.85 -10.20
N ARG G 72 23.72 -8.15 -10.33
CA ARG G 72 24.56 -7.35 -11.20
C ARG G 72 24.10 -7.48 -12.66
N GLU G 73 23.55 -8.64 -13.01
CA GLU G 73 23.08 -8.85 -14.37
C GLU G 73 21.84 -7.98 -14.58
N ILE G 74 20.77 -8.33 -13.86
CA ILE G 74 19.53 -7.59 -13.94
C ILE G 74 19.81 -6.08 -13.91
N ALA G 75 20.61 -5.65 -12.94
CA ALA G 75 20.93 -4.23 -12.79
C ALA G 75 21.61 -3.68 -14.02
N GLN G 76 22.56 -4.45 -14.52
CA GLN G 76 23.33 -4.05 -15.69
C GLN G 76 22.50 -3.85 -16.92
N ASP G 77 21.46 -4.66 -17.11
CA ASP G 77 20.64 -4.49 -18.28
C ASP G 77 19.73 -3.23 -18.14
N PHE G 78 19.65 -2.67 -16.93
CA PHE G 78 18.86 -1.47 -16.70
C PHE G 78 19.71 -0.22 -16.85
N LYS G 79 21.01 -0.37 -16.61
CA LYS G 79 21.92 0.74 -16.69
C LYS G 79 23.32 0.19 -16.55
N THR G 80 24.22 0.69 -17.38
CA THR G 80 25.60 0.23 -17.40
C THR G 80 26.53 0.92 -16.43
N ASP G 81 27.68 0.28 -16.24
CA ASP G 81 28.73 0.77 -15.37
C ASP G 81 28.21 1.15 -13.99
N LEU G 82 27.43 0.27 -13.38
CA LEU G 82 26.90 0.51 -12.03
C LEU G 82 27.75 -0.17 -10.99
N ARG G 83 27.73 0.36 -9.78
CA ARG G 83 28.48 -0.23 -8.67
C ARG G 83 27.54 -0.54 -7.52
N PHE G 84 27.90 -1.51 -6.71
CA PHE G 84 27.05 -1.88 -5.58
C PHE G 84 27.83 -1.93 -4.29
N GLN G 85 27.22 -1.39 -3.23
CA GLN G 85 27.83 -1.44 -1.91
C GLN G 85 27.53 -2.87 -1.48
N SER G 86 28.47 -3.55 -0.86
CA SER G 86 28.22 -4.93 -0.45
C SER G 86 26.86 -4.99 0.25
N SER G 87 26.64 -4.11 1.21
CA SER G 87 25.40 -4.06 1.98
C SER G 87 24.11 -3.93 1.15
N ALA G 88 24.22 -3.37 -0.05
CA ALA G 88 23.07 -3.20 -0.91
C ALA G 88 22.68 -4.54 -1.52
N VAL G 89 23.66 -5.38 -1.80
CA VAL G 89 23.37 -6.68 -2.36
C VAL G 89 22.72 -7.48 -1.24
N MET G 90 23.24 -7.33 -0.02
CA MET G 90 22.69 -8.02 1.14
C MET G 90 21.25 -7.65 1.36
N ALA G 91 20.95 -6.36 1.22
CA ALA G 91 19.57 -5.88 1.41
C ALA G 91 18.66 -6.53 0.36
N LEU G 92 19.11 -6.56 -0.89
CA LEU G 92 18.29 -7.18 -1.92
C LEU G 92 18.09 -8.66 -1.65
N GLN G 93 19.13 -9.34 -1.16
CA GLN G 93 18.96 -10.75 -0.89
C GLN G 93 17.95 -10.88 0.26
N GLU G 94 18.18 -10.14 1.34
CA GLU G 94 17.27 -10.19 2.46
C GLU G 94 15.81 -9.96 2.01
N ALA G 95 15.58 -8.91 1.23
CA ALA G 95 14.24 -8.60 0.79
C ALA G 95 13.67 -9.73 -0.04
N SER G 96 14.45 -10.17 -1.01
CA SER G 96 14.06 -11.24 -1.91
C SER G 96 13.67 -12.55 -1.23
N GLU G 97 14.49 -13.00 -0.29
CA GLU G 97 14.16 -14.25 0.37
C GLU G 97 12.94 -14.09 1.26
N ALA G 98 12.86 -13.00 2.01
CA ALA G 98 11.69 -12.83 2.87
C ALA G 98 10.46 -12.78 1.98
N TYR G 99 10.66 -12.33 0.75
CA TYR G 99 9.57 -12.24 -0.20
C TYR G 99 9.20 -13.64 -0.70
N LEU G 100 10.18 -14.35 -1.23
CA LEU G 100 9.92 -15.66 -1.74
C LEU G 100 9.33 -16.60 -0.68
N VAL G 101 9.83 -16.51 0.55
CA VAL G 101 9.34 -17.36 1.62
C VAL G 101 7.88 -17.08 1.93
N ALA G 102 7.56 -15.80 2.17
CA ALA G 102 6.19 -15.41 2.46
C ALA G 102 5.26 -15.82 1.32
N LEU G 103 5.81 -15.89 0.10
CA LEU G 103 5.03 -16.27 -1.07
C LEU G 103 4.75 -17.77 -1.07
N PHE G 104 5.73 -18.54 -0.60
CA PHE G 104 5.58 -19.98 -0.55
C PHE G 104 4.51 -20.41 0.44
N GLU G 105 4.40 -19.69 1.56
CA GLU G 105 3.38 -20.03 2.55
C GLU G 105 2.00 -19.88 1.87
N ASP G 106 1.78 -18.75 1.22
CA ASP G 106 0.52 -18.52 0.54
C ASP G 106 0.25 -19.63 -0.47
N THR G 107 1.30 -20.01 -1.21
CA THR G 107 1.21 -21.07 -2.19
C THR G 107 0.80 -22.34 -1.48
N ASN G 108 1.53 -22.68 -0.44
CA ASN G 108 1.25 -23.88 0.34
C ASN G 108 -0.20 -23.94 0.80
N LEU G 109 -0.77 -22.80 1.19
CA LEU G 109 -2.16 -22.76 1.62
C LEU G 109 -3.03 -23.03 0.42
N CYS G 110 -2.66 -22.44 -0.71
CA CYS G 110 -3.44 -22.64 -1.93
C CYS G 110 -3.51 -24.10 -2.37
N ALA G 111 -2.41 -24.83 -2.22
CA ALA G 111 -2.39 -26.23 -2.61
C ALA G 111 -3.31 -26.97 -1.66
N ILE G 112 -3.07 -26.79 -0.37
CA ILE G 112 -3.90 -27.46 0.63
C ILE G 112 -5.37 -27.18 0.34
N HIS G 113 -5.66 -25.96 -0.08
CA HIS G 113 -7.02 -25.58 -0.39
C HIS G 113 -7.62 -26.49 -1.46
N ALA G 114 -6.78 -26.88 -2.41
CA ALA G 114 -7.16 -27.75 -3.51
C ALA G 114 -7.05 -29.22 -3.09
N LYS G 115 -6.84 -29.41 -1.79
CA LYS G 115 -6.71 -30.75 -1.24
C LYS G 115 -5.50 -31.51 -1.77
N ARG G 116 -4.40 -30.79 -1.86
CA ARG G 116 -3.14 -31.36 -2.30
C ARG G 116 -2.14 -30.96 -1.21
N VAL G 117 -0.94 -31.52 -1.28
CA VAL G 117 0.12 -31.19 -0.33
C VAL G 117 1.32 -30.89 -1.21
N HIS G 118 1.03 -30.82 -2.52
CA HIS G 118 2.00 -30.59 -3.57
C HIS G 118 1.88 -29.21 -4.16
N ILE G 119 2.73 -28.27 -3.79
CA ILE G 119 2.58 -26.96 -4.44
C ILE G 119 2.93 -27.03 -5.94
N MET G 120 2.10 -26.36 -6.75
CA MET G 120 2.27 -26.30 -8.19
C MET G 120 2.29 -24.84 -8.67
N PRO G 121 2.63 -24.60 -9.95
CA PRO G 121 2.65 -23.22 -10.42
C PRO G 121 1.29 -22.57 -10.28
N LYS G 122 0.24 -23.30 -10.65
CA LYS G 122 -1.09 -22.74 -10.54
C LYS G 122 -1.31 -22.22 -9.12
N ASP G 123 -0.69 -22.84 -8.12
CA ASP G 123 -0.84 -22.37 -6.73
C ASP G 123 -0.16 -21.02 -6.57
N ILE G 124 1.09 -20.92 -7.03
CA ILE G 124 1.84 -19.69 -6.95
C ILE G 124 1.09 -18.61 -7.69
N GLN G 125 0.43 -18.99 -8.78
CA GLN G 125 -0.27 -18.01 -9.58
C GLN G 125 -1.57 -17.53 -8.95
N LEU G 126 -2.34 -18.44 -8.38
CA LEU G 126 -3.58 -18.02 -7.75
C LEU G 126 -3.19 -17.07 -6.63
N ALA G 127 -2.14 -17.39 -5.90
CA ALA G 127 -1.70 -16.53 -4.81
C ALA G 127 -1.31 -15.11 -5.27
N ARG G 128 -0.47 -15.02 -6.29
CA ARG G 128 -0.06 -13.71 -6.77
C ARG G 128 -1.26 -12.94 -7.31
N ARG G 129 -2.22 -13.65 -7.91
CA ARG G 129 -3.38 -12.93 -8.40
C ARG G 129 -4.13 -12.30 -7.23
N ILE G 130 -4.44 -13.12 -6.23
CA ILE G 130 -5.17 -12.59 -5.08
C ILE G 130 -4.38 -11.47 -4.40
N ARG G 131 -3.09 -11.69 -4.19
CA ARG G 131 -2.20 -10.70 -3.57
C ARG G 131 -2.27 -9.36 -4.31
N GLY G 132 -2.46 -9.42 -5.61
CA GLY G 132 -2.54 -8.22 -6.41
C GLY G 132 -1.31 -7.93 -7.23
N GLU G 133 -0.48 -8.95 -7.46
CA GLU G 133 0.73 -8.81 -8.25
C GLU G 133 0.35 -9.17 -9.67
N ARG G 134 -0.86 -9.74 -9.84
CA ARG G 134 -1.51 -10.26 -11.07
C ARG G 134 -2.97 -9.75 -10.91
N ALA G 135 -4.09 -10.47 -11.03
CA ALA G 135 -5.36 -9.77 -10.71
C ALA G 135 -6.03 -9.20 -11.97
N ARG H 19 35.47 -7.71 -18.39
CA ARG H 19 34.95 -8.81 -17.67
C ARG H 19 33.50 -8.77 -17.61
N LYS H 20 33.61 -9.97 -18.11
CA LYS H 20 32.82 -11.00 -18.64
C LYS H 20 31.40 -10.75 -18.65
N VAL H 21 30.96 -11.16 -19.78
CA VAL H 21 29.54 -11.03 -20.06
C VAL H 21 28.72 -11.83 -19.07
N LEU H 22 27.69 -11.19 -18.53
CA LEU H 22 26.82 -11.84 -17.57
C LEU H 22 25.58 -12.36 -18.28
N ARG H 23 25.35 -13.67 -18.22
CA ARG H 23 24.13 -14.20 -18.78
C ARG H 23 23.72 -15.48 -18.08
N ASP H 24 22.41 -15.74 -18.09
CA ASP H 24 21.79 -16.92 -17.49
C ASP H 24 22.03 -17.08 -15.98
N ASN H 25 22.22 -15.87 -15.22
CA ASN H 25 22.48 -16.14 -13.83
C ASN H 25 21.26 -16.58 -13.04
N ILE H 26 20.08 -16.36 -13.57
CA ILE H 26 18.88 -16.76 -12.86
C ILE H 26 18.98 -18.26 -12.56
N GLN H 27 19.93 -18.93 -13.20
CA GLN H 27 20.14 -20.36 -12.96
C GLN H 27 20.99 -20.58 -11.73
N GLY H 28 21.46 -19.48 -11.17
CA GLY H 28 22.27 -19.53 -9.96
C GLY H 28 21.34 -19.73 -8.79
N ILE H 29 20.07 -19.64 -9.10
CA ILE H 29 19.07 -19.87 -8.13
C ILE H 29 18.76 -21.35 -8.25
N THR H 30 19.69 -22.14 -7.74
CA THR H 30 19.67 -23.59 -7.80
C THR H 30 18.39 -24.26 -7.25
N LYS H 31 18.15 -25.48 -7.71
CA LYS H 31 17.01 -26.26 -7.25
C LYS H 31 17.06 -26.39 -5.73
N PRO H 32 18.25 -26.67 -5.17
CA PRO H 32 18.42 -26.81 -3.72
C PRO H 32 17.99 -25.54 -2.99
N ALA H 33 18.60 -24.43 -3.35
CA ALA H 33 18.28 -23.17 -2.72
C ALA H 33 16.77 -22.93 -2.74
N ILE H 34 16.11 -23.22 -3.85
CA ILE H 34 14.68 -22.97 -3.92
C ILE H 34 13.88 -23.88 -2.98
N ARG H 35 14.28 -25.15 -2.80
CA ARG H 35 13.55 -26.06 -1.90
C ARG H 35 13.69 -25.51 -0.48
N ARG H 36 14.93 -25.23 -0.09
CA ARG H 36 15.16 -24.69 1.23
C ARG H 36 14.15 -23.60 1.50
N LEU H 37 14.03 -22.65 0.56
CA LEU H 37 13.07 -21.55 0.74
C LEU H 37 11.62 -22.03 0.97
N ALA H 38 11.16 -23.00 0.20
CA ALA H 38 9.80 -23.52 0.41
C ALA H 38 9.72 -24.22 1.79
N ARG H 39 10.87 -24.68 2.28
CA ARG H 39 10.94 -25.35 3.56
C ARG H 39 10.69 -24.34 4.66
N ARG H 40 11.46 -23.26 4.63
CA ARG H 40 11.29 -22.24 5.63
C ARG H 40 9.86 -21.74 5.51
N GLY H 41 9.27 -21.95 4.35
CA GLY H 41 7.91 -21.52 4.10
C GLY H 41 6.84 -22.55 4.45
N GLY H 42 7.28 -23.68 4.99
CA GLY H 42 6.34 -24.71 5.38
C GLY H 42 5.87 -25.69 4.31
N VAL H 43 6.50 -25.65 3.13
CA VAL H 43 6.14 -26.53 2.04
C VAL H 43 6.79 -27.92 2.16
N LYS H 44 5.94 -28.95 2.17
CA LYS H 44 6.38 -30.34 2.32
C LYS H 44 6.65 -31.07 1.00
N ARG H 45 5.80 -30.85 0.00
CA ARG H 45 5.96 -31.50 -1.31
C ARG H 45 6.02 -30.49 -2.46
N ILE H 46 7.03 -30.61 -3.31
CA ILE H 46 7.22 -29.67 -4.42
C ILE H 46 7.11 -30.28 -5.82
N SER H 47 6.32 -29.64 -6.70
CA SER H 47 6.15 -30.12 -8.07
C SER H 47 7.37 -29.76 -8.91
N GLY H 48 7.68 -30.61 -9.87
CA GLY H 48 8.83 -30.38 -10.73
C GLY H 48 8.83 -29.07 -11.50
N LEU H 49 7.65 -28.49 -11.70
CA LEU H 49 7.58 -27.24 -12.43
C LEU H 49 7.75 -25.98 -11.60
N ILE H 50 7.80 -26.13 -10.28
CA ILE H 50 7.95 -24.99 -9.39
C ILE H 50 9.22 -24.18 -9.61
N TYR H 51 10.36 -24.86 -9.65
CA TYR H 51 11.64 -24.15 -9.79
C TYR H 51 11.69 -23.11 -10.89
N GLU H 52 11.21 -23.43 -12.10
CA GLU H 52 11.24 -22.44 -13.17
C GLU H 52 10.29 -21.28 -12.89
N GLU H 53 9.11 -21.61 -12.38
CA GLU H 53 8.11 -20.60 -12.06
C GLU H 53 8.71 -19.66 -11.01
N THR H 54 9.40 -20.26 -10.05
CA THR H 54 10.02 -19.48 -8.98
C THR H 54 11.08 -18.50 -9.47
N ARG H 55 11.96 -18.94 -10.35
CA ARG H 55 13.00 -18.06 -10.86
C ARG H 55 12.34 -16.90 -11.59
N GLY H 56 11.33 -17.23 -12.38
CA GLY H 56 10.63 -16.21 -13.12
C GLY H 56 10.01 -15.17 -12.20
N VAL H 57 9.46 -15.63 -11.07
CA VAL H 57 8.84 -14.75 -10.10
C VAL H 57 9.92 -13.95 -9.38
N LEU H 58 11.00 -14.61 -9.03
CA LEU H 58 12.09 -13.94 -8.36
C LEU H 58 12.65 -12.84 -9.28
N LYS H 59 12.78 -13.16 -10.57
CA LYS H 59 13.32 -12.21 -11.54
C LYS H 59 12.48 -10.96 -11.68
N VAL H 60 11.16 -11.08 -11.60
CA VAL H 60 10.31 -9.89 -11.73
C VAL H 60 10.49 -9.04 -10.48
N PHE H 61 10.50 -9.69 -9.32
CA PHE H 61 10.68 -9.00 -8.07
C PHE H 61 12.01 -8.22 -8.13
N LEU H 62 13.09 -8.91 -8.45
CA LEU H 62 14.37 -8.22 -8.53
C LEU H 62 14.39 -7.08 -9.57
N GLU H 63 13.74 -7.27 -10.71
CA GLU H 63 13.74 -6.22 -11.72
C GLU H 63 13.03 -4.98 -11.20
N ASN H 64 11.89 -5.15 -10.53
CA ASN H 64 11.15 -4.01 -10.01
C ASN H 64 11.89 -3.32 -8.87
N VAL H 65 12.49 -4.11 -7.98
CA VAL H 65 13.19 -3.48 -6.88
C VAL H 65 14.44 -2.79 -7.35
N ILE H 66 15.19 -3.41 -8.26
CA ILE H 66 16.41 -2.77 -8.74
C ILE H 66 16.07 -1.55 -9.59
N ARG H 67 15.11 -1.68 -10.51
CA ARG H 67 14.72 -0.54 -11.35
C ARG H 67 14.49 0.71 -10.51
N ASP H 68 13.83 0.54 -9.38
CA ASP H 68 13.55 1.67 -8.50
C ASP H 68 14.77 2.11 -7.75
N ALA H 69 15.58 1.17 -7.29
CA ALA H 69 16.78 1.53 -6.56
C ALA H 69 17.68 2.36 -7.49
N VAL H 70 17.95 1.82 -8.67
CA VAL H 70 18.80 2.52 -9.61
C VAL H 70 18.26 3.89 -10.01
N THR H 71 16.93 4.03 -10.06
CA THR H 71 16.36 5.34 -10.39
C THR H 71 16.81 6.34 -9.32
N TYR H 72 16.84 5.91 -8.06
CA TYR H 72 17.30 6.79 -7.00
C TYR H 72 18.77 7.13 -7.26
N THR H 73 19.59 6.11 -7.52
CA THR H 73 21.01 6.33 -7.79
C THR H 73 21.28 7.38 -8.86
N GLU H 74 20.61 7.25 -10.00
CA GLU H 74 20.79 8.18 -11.10
C GLU H 74 20.31 9.56 -10.68
N HIS H 75 19.29 9.62 -9.84
CA HIS H 75 18.81 10.91 -9.42
C HIS H 75 19.82 11.60 -8.49
N ALA H 76 20.64 10.80 -7.83
CA ALA H 76 21.63 11.33 -6.90
C ALA H 76 22.92 11.60 -7.66
N LYS H 77 22.93 11.26 -8.95
CA LYS H 77 24.12 11.47 -9.78
C LYS H 77 25.32 10.60 -9.36
N ARG H 78 25.02 9.42 -8.83
CA ARG H 78 26.06 8.47 -8.40
C ARG H 78 26.11 7.28 -9.34
N LYS H 79 27.24 6.57 -9.30
CA LYS H 79 27.43 5.39 -10.13
C LYS H 79 27.38 4.16 -9.22
N THR H 80 27.16 4.41 -7.93
CA THR H 80 27.10 3.32 -6.97
C THR H 80 25.72 3.19 -6.32
N VAL H 81 25.08 2.06 -6.52
CA VAL H 81 23.79 1.80 -5.91
C VAL H 81 24.09 1.56 -4.41
N THR H 82 23.53 2.40 -3.54
CA THR H 82 23.76 2.27 -2.11
C THR H 82 22.70 1.40 -1.45
N ALA H 83 22.90 1.06 -0.18
CA ALA H 83 21.90 0.25 0.51
C ALA H 83 20.66 1.10 0.77
N MET H 84 20.84 2.42 0.87
CA MET H 84 19.71 3.31 1.05
C MET H 84 18.88 3.35 -0.24
N ASP H 85 19.55 3.28 -1.38
CA ASP H 85 18.84 3.27 -2.65
C ASP H 85 17.88 2.11 -2.62
N VAL H 86 18.38 0.92 -2.29
CA VAL H 86 17.54 -0.25 -2.25
C VAL H 86 16.47 -0.11 -1.17
N VAL H 87 16.87 0.42 -0.01
CA VAL H 87 15.92 0.58 1.08
C VAL H 87 14.79 1.55 0.69
N TYR H 88 15.11 2.63 0.00
CA TYR H 88 14.07 3.56 -0.42
C TYR H 88 13.22 2.88 -1.48
N ALA H 89 13.87 2.09 -2.32
CA ALA H 89 13.16 1.38 -3.37
C ALA H 89 12.18 0.40 -2.76
N LEU H 90 12.65 -0.42 -1.83
CA LEU H 90 11.77 -1.37 -1.18
C LEU H 90 10.54 -0.67 -0.54
N LYS H 91 10.77 0.39 0.23
CA LYS H 91 9.66 1.08 0.87
C LYS H 91 8.61 1.55 -0.14
N ARG H 92 9.04 1.97 -1.33
CA ARG H 92 8.10 2.41 -2.39
C ARG H 92 7.17 1.27 -2.72
N GLN H 93 7.75 0.08 -2.92
CA GLN H 93 6.97 -1.09 -3.25
C GLN H 93 6.21 -1.73 -2.12
N GLY H 94 6.28 -1.12 -0.93
CA GLY H 94 5.57 -1.67 0.20
C GLY H 94 6.22 -2.91 0.77
N ARG H 95 7.54 -2.95 0.75
CA ARG H 95 8.29 -4.08 1.28
C ARG H 95 9.38 -3.53 2.20
N THR H 96 8.99 -2.59 3.09
CA THR H 96 9.91 -1.95 4.04
C THR H 96 10.93 -2.85 4.71
N LEU H 97 12.20 -2.52 4.60
CA LEU H 97 13.23 -3.36 5.21
C LEU H 97 13.91 -2.70 6.39
N TYR H 98 14.11 -3.46 7.46
CA TYR H 98 14.80 -2.99 8.64
C TYR H 98 16.21 -3.61 8.68
N GLY H 99 17.19 -2.85 9.13
CA GLY H 99 18.52 -3.39 9.23
C GLY H 99 19.57 -2.77 8.35
N PHE H 100 19.19 -1.96 7.37
CA PHE H 100 20.21 -1.38 6.51
C PHE H 100 20.23 0.13 6.42
N GLY H 101 19.92 0.77 7.54
CA GLY H 101 19.91 2.22 7.56
C GLY H 101 18.50 2.73 7.28
N GLY H 102 17.64 1.82 6.82
CA GLY H 102 16.28 2.22 6.55
C GLY H 102 15.47 2.07 7.82
N ALA I 14 -0.44 41.39 -19.61
CA ALA I 14 -0.05 40.26 -18.72
C ALA I 14 -0.42 38.91 -19.34
N LYS I 15 0.56 38.02 -19.42
CA LYS I 15 0.35 36.69 -19.99
C LYS I 15 0.56 35.64 -18.89
N THR I 16 -0.32 34.66 -18.82
CA THR I 16 -0.23 33.62 -17.81
C THR I 16 0.83 32.56 -18.12
N ARG I 17 1.41 31.99 -17.08
CA ARG I 17 2.44 30.97 -17.26
C ARG I 17 1.95 29.76 -18.05
N SER I 18 0.70 29.37 -17.85
CA SER I 18 0.16 28.23 -18.59
C SER I 18 0.25 28.53 -20.07
N SER I 19 0.13 29.82 -20.41
CA SER I 19 0.21 30.25 -21.80
C SER I 19 1.63 30.10 -22.27
N ARG I 20 2.57 30.53 -21.44
CA ARG I 20 3.98 30.43 -21.78
C ARG I 20 4.38 28.98 -21.94
N ALA I 21 3.81 28.13 -21.09
CA ALA I 21 4.12 26.72 -21.13
C ALA I 21 3.27 26.00 -22.17
N GLY I 22 2.27 26.73 -22.70
CA GLY I 22 1.39 26.18 -23.71
C GLY I 22 0.53 25.09 -23.13
N LEU I 23 -0.03 25.37 -21.96
CA LEU I 23 -0.86 24.39 -21.25
C LEU I 23 -2.24 24.89 -20.90
N GLN I 24 -3.15 23.94 -20.72
CA GLN I 24 -4.52 24.24 -20.32
C GLN I 24 -4.55 24.40 -18.81
N PHE I 25 -3.81 23.53 -18.11
CA PHE I 25 -3.77 23.55 -16.66
C PHE I 25 -3.17 24.77 -15.99
N PRO I 26 -3.70 25.12 -14.81
CA PRO I 26 -3.25 26.27 -14.05
C PRO I 26 -1.85 26.11 -13.48
N VAL I 27 -0.87 26.63 -14.22
CA VAL I 27 0.50 26.57 -13.77
C VAL I 27 0.67 27.35 -12.47
N GLY I 28 -0.03 28.48 -12.35
CA GLY I 28 0.07 29.25 -11.12
C GLY I 28 -0.46 28.43 -9.94
N ARG I 29 -1.70 27.93 -10.08
CA ARG I 29 -2.34 27.14 -9.05
C ARG I 29 -1.50 25.95 -8.63
N VAL I 30 -1.04 25.19 -9.61
CA VAL I 30 -0.22 24.04 -9.35
C VAL I 30 0.93 24.49 -8.47
N HIS I 31 1.54 25.60 -8.87
CA HIS I 31 2.67 26.14 -8.14
C HIS I 31 2.27 26.55 -6.72
N ARG I 32 1.08 27.12 -6.59
CA ARG I 32 0.63 27.59 -5.29
C ARG I 32 0.41 26.42 -4.36
N LEU I 33 -0.12 25.33 -4.89
CA LEU I 33 -0.40 24.16 -4.08
C LEU I 33 0.89 23.47 -3.62
N LEU I 34 1.93 23.47 -4.45
CA LEU I 34 3.18 22.84 -4.04
C LEU I 34 3.73 23.50 -2.80
N ARG I 35 3.89 24.83 -2.82
CA ARG I 35 4.42 25.52 -1.67
C ARG I 35 3.55 25.36 -0.43
N LYS I 36 2.25 25.56 -0.58
CA LYS I 36 1.35 25.43 0.57
C LYS I 36 1.06 23.96 0.91
N GLY I 37 1.91 23.07 0.42
CA GLY I 37 1.70 21.66 0.68
C GLY I 37 2.80 21.06 1.52
N ASN I 38 3.73 21.91 1.95
CA ASN I 38 4.84 21.46 2.78
C ASN I 38 5.56 20.27 2.18
N TYR I 39 5.98 20.40 0.93
CA TYR I 39 6.70 19.33 0.27
C TYR I 39 8.18 19.61 0.28
N ALA I 40 8.52 20.89 0.44
CA ALA I 40 9.92 21.31 0.47
C ALA I 40 10.03 22.74 0.96
N GLU I 41 11.24 23.13 1.34
CA GLU I 41 11.51 24.49 1.80
C GLU I 41 11.25 25.45 0.64
N ARG I 42 11.81 25.11 -0.52
CA ARG I 42 11.71 25.93 -1.72
C ARG I 42 11.17 25.18 -2.95
N VAL I 43 10.60 25.92 -3.87
CA VAL I 43 10.04 25.34 -5.09
C VAL I 43 10.56 26.02 -6.35
N GLY I 44 11.27 25.25 -7.17
CA GLY I 44 11.79 25.80 -8.41
C GLY I 44 10.69 26.29 -9.31
N ALA I 45 11.02 27.23 -10.19
CA ALA I 45 10.04 27.79 -11.10
C ALA I 45 9.57 26.78 -12.13
N GLY I 46 10.43 25.82 -12.46
CA GLY I 46 10.08 24.82 -13.45
C GLY I 46 9.25 23.66 -12.95
N ALA I 47 9.21 23.47 -11.63
CA ALA I 47 8.47 22.37 -11.06
C ALA I 47 6.99 22.41 -11.39
N PRO I 48 6.28 23.47 -10.97
CA PRO I 48 4.85 23.55 -11.25
C PRO I 48 4.53 23.41 -12.73
N VAL I 49 5.42 23.93 -13.56
CA VAL I 49 5.23 23.86 -15.02
C VAL I 49 5.25 22.39 -15.43
N TYR I 50 6.35 21.70 -15.11
CA TYR I 50 6.51 20.30 -15.45
C TYR I 50 5.33 19.50 -14.89
N LEU I 51 4.96 19.80 -13.66
CA LEU I 51 3.88 19.08 -13.03
C LEU I 51 2.54 19.33 -13.70
N ALA I 52 2.21 20.60 -13.89
CA ALA I 52 0.92 20.95 -14.51
C ALA I 52 0.76 20.19 -15.81
N ALA I 53 1.85 20.12 -16.57
CA ALA I 53 1.84 19.42 -17.84
C ALA I 53 1.44 17.97 -17.61
N VAL I 54 2.19 17.30 -16.74
CA VAL I 54 1.94 15.89 -16.42
C VAL I 54 0.49 15.59 -16.01
N LEU I 55 -0.09 16.50 -15.23
CA LEU I 55 -1.47 16.32 -14.82
C LEU I 55 -2.40 16.49 -16.03
N GLU I 56 -2.17 17.53 -16.81
CA GLU I 56 -3.00 17.78 -17.99
C GLU I 56 -2.93 16.58 -18.91
N TYR I 57 -1.71 16.15 -19.20
CA TYR I 57 -1.50 15.01 -20.08
C TYR I 57 -2.23 13.73 -19.65
N LEU I 58 -2.15 13.38 -18.35
CA LEU I 58 -2.82 12.17 -17.89
C LEU I 58 -4.33 12.38 -17.96
N THR I 59 -4.77 13.62 -17.74
CA THR I 59 -6.18 13.92 -17.80
C THR I 59 -6.69 13.71 -19.22
N ALA I 60 -5.92 14.18 -20.21
CA ALA I 60 -6.30 14.02 -21.61
C ALA I 60 -6.39 12.54 -21.93
N GLU I 61 -5.37 11.81 -21.49
CA GLU I 61 -5.28 10.37 -21.71
C GLU I 61 -6.56 9.65 -21.25
N ILE I 62 -7.08 10.00 -20.08
CA ILE I 62 -8.30 9.37 -19.56
C ILE I 62 -9.59 9.82 -20.26
N LEU I 63 -9.77 11.13 -20.46
CA LEU I 63 -10.98 11.60 -21.15
C LEU I 63 -11.01 10.92 -22.53
N GLU I 64 -9.86 10.93 -23.18
CA GLU I 64 -9.67 10.30 -24.47
C GLU I 64 -10.35 8.92 -24.49
N LEU I 65 -9.90 8.03 -23.61
CA LEU I 65 -10.43 6.69 -23.56
C LEU I 65 -11.86 6.64 -23.03
N ALA I 66 -12.16 7.47 -22.05
CA ALA I 66 -13.50 7.51 -21.48
C ALA I 66 -14.45 7.98 -22.58
N GLY I 67 -14.01 8.96 -23.35
CA GLY I 67 -14.84 9.45 -24.43
C GLY I 67 -15.14 8.29 -25.37
N ASN I 68 -14.11 7.53 -25.72
CA ASN I 68 -14.30 6.38 -26.61
C ASN I 68 -15.35 5.41 -26.09
N TRP I 69 -15.34 5.19 -24.78
CA TRP I 69 -16.30 4.28 -24.16
C TRP I 69 -17.67 4.89 -24.29
N GLU I 70 -17.71 6.22 -24.29
CA GLU I 70 -18.95 6.98 -24.40
C GLU I 70 -19.64 6.71 -25.72
N ARG I 71 -18.86 6.71 -26.80
CA ARG I 71 -19.45 6.46 -28.10
C ARG I 71 -19.75 4.98 -28.25
N ASP I 72 -18.87 4.12 -27.74
CA ASP I 72 -19.11 2.70 -27.83
C ASP I 72 -20.53 2.40 -27.38
N ASN I 73 -20.98 3.06 -26.32
CA ASN I 73 -22.33 2.82 -25.82
C ASN I 73 -23.32 3.83 -26.37
N LYS I 74 -22.94 4.45 -27.48
CA LYS I 74 -23.76 5.46 -28.14
C LYS I 74 -24.30 6.53 -27.20
N LYS I 75 -23.39 7.18 -26.47
CA LYS I 75 -23.77 8.25 -25.55
C LYS I 75 -22.81 9.40 -25.77
N THR I 76 -23.31 10.62 -25.69
CA THR I 76 -22.46 11.77 -25.91
C THR I 76 -21.91 12.35 -24.62
N ARG I 77 -22.45 11.92 -23.49
CA ARG I 77 -21.97 12.42 -22.21
C ARG I 77 -21.28 11.36 -21.36
N ILE I 78 -20.04 11.65 -20.96
CA ILE I 78 -19.23 10.76 -20.14
C ILE I 78 -19.71 10.72 -18.69
N ILE I 79 -19.89 9.50 -18.18
CA ILE I 79 -20.31 9.29 -16.80
C ILE I 79 -19.29 8.33 -16.18
N PRO I 80 -19.34 8.16 -14.86
CA PRO I 80 -18.40 7.25 -14.17
C PRO I 80 -18.16 5.93 -14.84
N ARG I 81 -19.23 5.25 -15.28
CA ARG I 81 -19.07 3.95 -15.92
C ARG I 81 -17.95 4.02 -16.95
N HIS I 82 -18.13 4.92 -17.91
CA HIS I 82 -17.16 5.10 -18.96
C HIS I 82 -15.75 5.24 -18.39
N LEU I 83 -15.58 6.10 -17.40
CA LEU I 83 -14.27 6.28 -16.77
C LEU I 83 -13.75 4.95 -16.23
N GLN I 84 -14.63 4.17 -15.62
CA GLN I 84 -14.24 2.85 -15.11
C GLN I 84 -13.79 1.99 -16.28
N LEU I 85 -14.66 1.84 -17.27
CA LEU I 85 -14.33 1.07 -18.46
C LEU I 85 -13.02 1.53 -19.08
N ALA I 86 -12.81 2.85 -19.16
CA ALA I 86 -11.58 3.36 -19.75
C ALA I 86 -10.33 2.92 -18.98
N VAL I 87 -10.34 3.16 -17.67
CA VAL I 87 -9.22 2.80 -16.82
C VAL I 87 -8.95 1.27 -16.75
N ARG I 88 -9.98 0.50 -16.43
CA ARG I 88 -9.77 -0.94 -16.32
C ARG I 88 -9.44 -1.60 -17.67
N ASN I 89 -9.98 -1.09 -18.76
CA ASN I 89 -9.64 -1.69 -20.05
C ASN I 89 -8.28 -1.26 -20.58
N ASP I 90 -7.49 -0.56 -19.77
CA ASP I 90 -6.18 -0.07 -20.22
C ASP I 90 -5.07 -0.48 -19.25
N GLU I 91 -4.32 -1.52 -19.57
CA GLU I 91 -3.34 -2.09 -18.66
C GLU I 91 -2.47 -1.09 -17.83
N GLU I 92 -2.15 0.07 -18.40
CA GLU I 92 -1.33 1.03 -17.68
C GLU I 92 -2.15 1.94 -16.76
N LEU I 93 -3.22 2.52 -17.28
CA LEU I 93 -4.05 3.37 -16.42
C LEU I 93 -4.60 2.51 -15.27
N ASN I 94 -4.93 1.26 -15.60
CA ASN I 94 -5.45 0.32 -14.61
C ASN I 94 -4.47 0.04 -13.50
N LYS I 95 -3.19 -0.07 -13.84
CA LYS I 95 -2.14 -0.30 -12.85
C LYS I 95 -1.93 0.99 -12.06
N LEU I 96 -1.97 2.12 -12.74
CA LEU I 96 -1.81 3.40 -12.06
C LEU I 96 -2.87 3.58 -10.98
N LEU I 97 -4.09 3.18 -11.29
CA LEU I 97 -5.20 3.32 -10.36
C LEU I 97 -5.64 1.98 -9.81
N GLY I 98 -4.69 1.06 -9.69
CA GLY I 98 -4.98 -0.27 -9.20
C GLY I 98 -5.50 -0.35 -7.78
N ARG I 99 -5.38 0.73 -7.01
CA ARG I 99 -5.90 0.69 -5.65
C ARG I 99 -6.78 1.87 -5.38
N VAL I 100 -7.50 2.25 -6.43
CA VAL I 100 -8.43 3.35 -6.41
C VAL I 100 -9.80 2.83 -6.78
N THR I 101 -10.85 3.40 -6.21
CA THR I 101 -12.20 2.94 -6.51
C THR I 101 -12.96 4.10 -7.08
N ILE I 102 -13.43 3.96 -8.31
CA ILE I 102 -14.23 4.99 -8.99
C ILE I 102 -15.71 4.83 -8.57
N ALA I 103 -16.18 5.68 -7.69
CA ALA I 103 -17.56 5.58 -7.25
C ALA I 103 -18.47 5.54 -8.46
N GLN I 104 -19.55 4.79 -8.34
CA GLN I 104 -20.53 4.63 -9.41
C GLN I 104 -19.92 4.09 -10.68
N GLY I 105 -18.75 3.44 -10.63
CA GLY I 105 -18.12 2.81 -11.76
C GLY I 105 -18.33 1.34 -11.51
N GLY I 106 -18.80 0.59 -12.44
CA GLY I 106 -19.24 -0.78 -12.17
C GLY I 106 -18.03 -1.69 -12.23
N VAL I 107 -18.15 -2.78 -12.99
CA VAL I 107 -17.05 -3.73 -13.17
C VAL I 107 -17.05 -4.13 -14.63
N LEU I 108 -15.91 -4.59 -15.12
CA LEU I 108 -15.83 -5.02 -16.51
C LEU I 108 -16.60 -6.31 -16.66
N PRO I 109 -17.34 -6.47 -17.77
CA PRO I 109 -18.10 -7.70 -17.96
C PRO I 109 -17.07 -8.82 -18.00
N ASN I 110 -17.27 -9.84 -17.20
CA ASN I 110 -16.32 -10.93 -17.18
C ASN I 110 -16.88 -12.14 -16.43
N ILE I 111 -16.96 -13.28 -17.13
CA ILE I 111 -17.44 -14.52 -16.55
C ILE I 111 -16.44 -15.65 -16.76
N GLN I 112 -15.89 -16.17 -15.66
CA GLN I 112 -14.94 -17.26 -15.73
C GLN I 112 -15.48 -18.44 -16.56
N SER I 113 -14.76 -18.67 -17.65
CA SER I 113 -15.08 -19.68 -18.67
C SER I 113 -15.60 -21.00 -18.13
N VAL I 114 -14.94 -21.53 -17.10
CA VAL I 114 -15.35 -22.80 -16.50
C VAL I 114 -16.81 -22.79 -16.04
N LEU I 115 -17.49 -21.65 -16.26
CA LEU I 115 -18.86 -21.42 -15.80
C LEU I 115 -19.87 -21.08 -16.83
N LEU I 116 -19.63 -21.37 -18.08
CA LEU I 116 -20.74 -21.12 -18.96
C LEU I 116 -21.32 -22.46 -19.37
N PRO I 117 -22.04 -22.26 -20.45
CA PRO I 117 -22.87 -23.26 -21.18
C PRO I 117 -22.32 -24.65 -21.44
N LYS I 118 -23.03 -25.48 -22.24
CA LYS I 118 -22.46 -26.83 -22.33
C LYS I 118 -21.98 -27.32 -23.70
N LYS I 119 -22.70 -27.34 -24.79
CA LYS I 119 -21.95 -27.88 -25.93
C LYS I 119 -21.44 -26.75 -26.81
N ARG J 33 -15.22 29.64 -0.68
CA ARG J 33 -14.90 29.08 -2.03
C ARG J 33 -14.39 27.65 -1.97
N LYS J 34 -14.37 27.01 -3.14
CA LYS J 34 -13.87 25.65 -3.27
C LYS J 34 -13.34 25.41 -4.68
N GLU J 35 -12.03 25.64 -4.84
CA GLU J 35 -11.38 25.44 -6.13
C GLU J 35 -11.42 23.98 -6.53
N SER J 36 -11.35 23.74 -7.83
CA SER J 36 -11.36 22.40 -8.37
C SER J 36 -10.71 22.53 -9.73
N TYR J 37 -10.27 21.42 -10.32
CA TYR J 37 -9.64 21.45 -11.64
C TYR J 37 -10.71 21.36 -12.72
N ALA J 38 -11.98 21.38 -12.30
CA ALA J 38 -13.12 21.25 -13.21
C ALA J 38 -13.03 21.93 -14.56
N ILE J 39 -12.87 23.26 -14.59
CA ILE J 39 -12.79 23.96 -15.86
C ILE J 39 -11.67 23.48 -16.76
N TYR J 40 -10.50 23.23 -16.18
CA TYR J 40 -9.37 22.75 -16.96
C TYR J 40 -9.64 21.33 -17.44
N VAL J 41 -10.29 20.54 -16.60
CA VAL J 41 -10.61 19.18 -17.00
C VAL J 41 -11.48 19.33 -18.23
N TYR J 42 -12.47 20.21 -18.14
CA TYR J 42 -13.40 20.46 -19.22
C TYR J 42 -12.71 20.97 -20.50
N LYS J 43 -11.84 21.97 -20.36
CA LYS J 43 -11.14 22.51 -21.53
C LYS J 43 -10.36 21.41 -22.25
N VAL J 44 -9.80 20.48 -21.48
CA VAL J 44 -9.03 19.40 -22.08
C VAL J 44 -9.99 18.42 -22.75
N LEU J 45 -11.17 18.25 -22.16
CA LEU J 45 -12.16 17.35 -22.73
C LEU J 45 -12.50 17.76 -24.16
N LYS J 46 -12.83 19.04 -24.34
CA LYS J 46 -13.17 19.54 -25.64
C LYS J 46 -12.04 19.44 -26.65
N GLN J 47 -10.80 19.36 -26.17
CA GLN J 47 -9.65 19.24 -27.06
C GLN J 47 -9.59 17.85 -27.66
N VAL J 48 -10.11 16.87 -26.92
CA VAL J 48 -10.08 15.50 -27.38
C VAL J 48 -11.40 15.04 -27.99
N HIS J 49 -12.49 15.34 -27.33
CA HIS J 49 -13.81 14.95 -27.84
C HIS J 49 -14.69 16.19 -27.76
N PRO J 50 -14.55 17.09 -28.75
CA PRO J 50 -15.31 18.34 -28.82
C PRO J 50 -16.82 18.20 -28.73
N ASP J 51 -17.35 17.03 -29.03
CA ASP J 51 -18.79 16.85 -28.97
C ASP J 51 -19.29 16.01 -27.81
N THR J 52 -18.36 15.60 -26.95
CA THR J 52 -18.69 14.81 -25.77
C THR J 52 -18.81 15.66 -24.51
N GLY J 53 -19.85 15.40 -23.73
CA GLY J 53 -20.07 16.11 -22.49
C GLY J 53 -19.53 15.26 -21.36
N ILE J 54 -19.87 15.62 -20.12
CA ILE J 54 -19.38 14.91 -18.96
C ILE J 54 -20.32 15.18 -17.81
N SER J 55 -20.86 14.19 -17.15
CA SER J 55 -21.76 14.41 -16.01
C SER J 55 -21.00 14.99 -14.84
N SER J 56 -21.73 15.64 -13.94
CA SER J 56 -21.08 16.26 -12.80
C SER J 56 -20.39 15.19 -11.99
N LYS J 57 -21.08 14.08 -11.77
CA LYS J 57 -20.49 13.00 -10.99
C LYS J 57 -19.13 12.61 -11.60
N ALA J 58 -19.08 12.54 -12.93
CA ALA J 58 -17.86 12.20 -13.63
C ALA J 58 -16.80 13.27 -13.41
N MET J 59 -17.22 14.53 -13.46
CA MET J 59 -16.29 15.64 -13.23
C MET J 59 -15.65 15.50 -11.86
N SER J 60 -16.48 15.16 -10.87
CA SER J 60 -16.05 14.96 -9.50
C SER J 60 -14.98 13.87 -9.40
N ILE J 61 -15.11 12.85 -10.25
CA ILE J 61 -14.14 11.76 -10.26
C ILE J 61 -12.84 12.23 -10.89
N MET J 62 -12.92 13.06 -11.92
CA MET J 62 -11.73 13.56 -12.57
C MET J 62 -10.97 14.48 -11.64
N ASN J 63 -11.70 15.20 -10.80
CA ASN J 63 -11.02 16.09 -9.87
C ASN J 63 -10.32 15.26 -8.82
N SER J 64 -10.96 14.19 -8.37
CA SER J 64 -10.34 13.34 -7.38
C SER J 64 -9.12 12.72 -8.03
N PHE J 65 -9.22 12.46 -9.33
CA PHE J 65 -8.11 11.89 -10.05
C PHE J 65 -6.94 12.85 -10.08
N VAL J 66 -7.18 14.10 -10.45
CA VAL J 66 -6.09 15.06 -10.50
C VAL J 66 -5.47 15.29 -9.12
N ASN J 67 -6.32 15.55 -8.13
CA ASN J 67 -5.81 15.77 -6.79
C ASN J 67 -4.99 14.58 -6.34
N ASP J 68 -5.44 13.38 -6.66
CA ASP J 68 -4.72 12.19 -6.27
C ASP J 68 -3.32 12.24 -6.87
N VAL J 69 -3.22 12.08 -8.20
CA VAL J 69 -1.91 12.08 -8.85
C VAL J 69 -1.06 13.22 -8.37
N PHE J 70 -1.64 14.42 -8.31
CA PHE J 70 -0.86 15.55 -7.82
C PHE J 70 -0.12 15.12 -6.56
N GLU J 71 -0.91 14.70 -5.56
CA GLU J 71 -0.38 14.27 -4.28
C GLU J 71 0.70 13.21 -4.40
N ARG J 72 0.46 12.18 -5.20
CA ARG J 72 1.47 11.15 -5.32
C ARG J 72 2.77 11.71 -5.88
N ILE J 73 2.68 12.44 -6.99
CA ILE J 73 3.87 13.01 -7.58
C ILE J 73 4.54 13.97 -6.60
N ALA J 74 3.79 14.91 -6.06
CA ALA J 74 4.36 15.86 -5.11
C ALA J 74 5.04 15.13 -3.95
N GLY J 75 4.36 14.10 -3.42
CA GLY J 75 4.93 13.35 -2.32
C GLY J 75 6.27 12.72 -2.65
N GLU J 76 6.32 12.01 -3.77
CA GLU J 76 7.55 11.36 -4.17
C GLU J 76 8.62 12.43 -4.35
N ALA J 77 8.25 13.51 -5.04
CA ALA J 77 9.14 14.63 -5.30
C ALA J 77 9.77 15.00 -3.98
N SER J 78 8.91 15.32 -3.01
CA SER J 78 9.32 15.68 -1.65
C SER J 78 10.37 14.72 -1.08
N ARG J 79 10.05 13.42 -1.04
CA ARG J 79 11.00 12.41 -0.52
C ARG J 79 12.36 12.51 -1.21
N LEU J 80 12.37 12.34 -2.52
CA LEU J 80 13.62 12.43 -3.26
C LEU J 80 14.50 13.58 -2.74
N ALA J 81 13.96 14.79 -2.70
CA ALA J 81 14.73 15.93 -2.23
C ALA J 81 15.23 15.70 -0.82
N HIS J 82 14.36 15.20 0.06
CA HIS J 82 14.81 14.94 1.43
C HIS J 82 15.94 13.90 1.46
N TYR J 83 15.77 12.81 0.71
CA TYR J 83 16.79 11.79 0.68
C TYR J 83 18.12 12.42 0.37
N ASN J 84 18.14 13.25 -0.66
CA ASN J 84 19.36 13.91 -1.10
C ASN J 84 19.71 15.23 -0.43
N LYS J 85 19.16 15.48 0.75
CA LYS J 85 19.45 16.70 1.50
C LYS J 85 19.32 17.93 0.63
N ARG J 86 18.15 18.10 0.02
CA ARG J 86 17.89 19.24 -0.86
C ARG J 86 16.66 20.03 -0.40
N SER J 87 16.79 21.36 -0.45
CA SER J 87 15.74 22.26 0.00
C SER J 87 14.68 22.57 -1.05
N THR J 88 15.07 22.46 -2.32
CA THR J 88 14.18 22.78 -3.43
C THR J 88 13.70 21.57 -4.22
N ILE J 89 12.44 21.58 -4.55
CA ILE J 89 11.99 20.45 -5.37
C ILE J 89 12.48 20.73 -6.82
N THR J 90 11.78 21.32 -7.79
CA THR J 90 12.49 21.59 -9.05
C THR J 90 12.48 20.54 -10.14
N SER J 91 11.53 20.65 -11.08
CA SER J 91 11.36 19.79 -12.26
C SER J 91 12.27 18.57 -12.42
N ARG J 92 13.33 18.46 -11.66
CA ARG J 92 14.19 17.28 -11.74
C ARG J 92 13.44 16.22 -10.95
N GLU J 93 13.03 16.65 -9.75
CA GLU J 93 12.31 15.79 -8.81
C GLU J 93 10.97 15.37 -9.43
N ILE J 94 10.20 16.35 -9.90
CA ILE J 94 8.91 16.05 -10.52
C ILE J 94 9.10 14.96 -11.57
N GLN J 95 10.18 15.05 -12.34
CA GLN J 95 10.43 14.05 -13.38
C GLN J 95 10.77 12.67 -12.81
N THR J 96 11.77 12.59 -11.96
CA THR J 96 12.13 11.31 -11.38
C THR J 96 10.91 10.74 -10.69
N ALA J 97 10.10 11.61 -10.10
CA ALA J 97 8.90 11.14 -9.42
C ALA J 97 7.93 10.53 -10.42
N VAL J 98 7.89 11.07 -11.63
CA VAL J 98 7.01 10.54 -12.64
C VAL J 98 7.51 9.17 -13.03
N ARG J 99 8.81 9.09 -13.29
CA ARG J 99 9.40 7.82 -13.70
C ARG J 99 9.10 6.75 -12.67
N LEU J 100 9.19 7.11 -11.40
CA LEU J 100 8.90 6.17 -10.31
C LEU J 100 7.40 5.83 -10.19
N LEU J 101 6.51 6.78 -10.49
CA LEU J 101 5.06 6.54 -10.36
C LEU J 101 4.27 6.06 -11.57
N LEU J 102 4.60 6.54 -12.75
CA LEU J 102 3.83 6.14 -13.92
C LEU J 102 4.31 4.90 -14.65
N PRO J 103 3.35 4.05 -15.04
CA PRO J 103 3.58 2.81 -15.75
C PRO J 103 4.16 3.08 -17.12
N GLY J 104 4.83 2.07 -17.63
CA GLY J 104 5.48 2.10 -18.91
C GLY J 104 5.31 3.28 -19.83
N GLU J 105 4.57 3.03 -20.91
CA GLU J 105 4.37 4.04 -21.92
C GLU J 105 3.78 5.31 -21.35
N LEU J 106 2.81 5.16 -20.46
CA LEU J 106 2.17 6.31 -19.84
C LEU J 106 3.24 7.27 -19.29
N ALA J 107 4.34 6.72 -18.79
CA ALA J 107 5.41 7.55 -18.22
C ALA J 107 6.29 8.18 -19.28
N LYS J 108 6.48 7.45 -20.37
CA LYS J 108 7.30 7.93 -21.47
C LYS J 108 6.69 9.26 -21.95
N HIS J 109 5.44 9.20 -22.39
CA HIS J 109 4.72 10.37 -22.87
C HIS J 109 4.68 11.49 -21.84
N ALA J 110 4.49 11.12 -20.57
CA ALA J 110 4.42 12.09 -19.48
C ALA J 110 5.71 12.90 -19.39
N VAL J 111 6.85 12.22 -19.39
CA VAL J 111 8.14 12.87 -19.30
C VAL J 111 8.43 13.83 -20.44
N SER J 112 8.05 13.47 -21.65
CA SER J 112 8.30 14.38 -22.76
C SER J 112 7.44 15.62 -22.53
N GLU J 113 6.13 15.43 -22.49
CA GLU J 113 5.19 16.53 -22.28
C GLU J 113 5.68 17.53 -21.24
N GLY J 114 6.19 17.00 -20.13
CA GLY J 114 6.69 17.84 -19.06
C GLY J 114 7.96 18.54 -19.52
N THR J 115 8.88 17.76 -20.09
CA THR J 115 10.13 18.34 -20.56
C THR J 115 9.84 19.39 -21.62
N LYS J 116 8.70 19.25 -22.29
CA LYS J 116 8.33 20.19 -23.35
C LYS J 116 7.72 21.46 -22.77
N ALA J 117 6.84 21.29 -21.80
CA ALA J 117 6.19 22.41 -21.15
C ALA J 117 7.21 23.31 -20.48
N VAL J 118 8.29 22.72 -19.96
CA VAL J 118 9.31 23.50 -19.30
C VAL J 118 10.22 24.20 -20.29
N THR J 119 10.47 23.58 -21.45
CA THR J 119 11.31 24.23 -22.46
C THR J 119 10.52 25.40 -23.03
N LYS J 120 9.36 25.09 -23.60
CA LYS J 120 8.51 26.12 -24.19
C LYS J 120 8.37 27.26 -23.20
N TYR J 121 8.09 26.92 -21.95
CA TYR J 121 7.93 27.92 -20.92
C TYR J 121 9.18 28.77 -20.75
N THR J 122 10.35 28.14 -20.86
CA THR J 122 11.62 28.85 -20.71
C THR J 122 11.97 29.71 -21.92
N SER J 123 11.82 29.16 -23.11
CA SER J 123 12.13 29.90 -24.32
C SER J 123 10.98 30.86 -24.62
N ALA J 124 10.88 31.93 -23.86
CA ALA J 124 9.90 32.96 -24.10
C ALA J 124 10.46 34.24 -23.55
N LYS J 125 9.58 34.95 -22.88
CA LYS J 125 9.94 36.24 -22.30
C LYS J 125 8.88 36.66 -21.28
N PRO K 4 0.14 23.44 -30.87
CA PRO K 4 -0.11 21.98 -30.87
C PRO K 4 0.26 21.49 -29.48
N GLY K 5 -0.71 20.87 -28.80
CA GLY K 5 -0.48 20.38 -27.47
C GLY K 5 0.28 19.07 -27.31
N MET K 6 -0.31 18.17 -26.53
CA MET K 6 0.31 16.88 -26.21
C MET K 6 -0.06 15.65 -27.02
N ARG K 7 0.91 14.74 -27.14
CA ARG K 7 0.75 13.48 -27.87
C ARG K 7 0.29 12.35 -26.96
N LEU K 8 -0.93 11.88 -27.19
CA LEU K 8 -1.50 10.78 -26.44
C LEU K 8 -0.98 9.45 -26.98
N ARG K 9 -0.96 8.42 -26.15
CA ARG K 9 -0.47 7.10 -26.55
C ARG K 9 -1.14 6.63 -27.84
N SER K 10 -2.42 6.93 -28.00
CA SER K 10 -3.15 6.52 -29.20
C SER K 10 -2.64 7.19 -30.48
N GLY K 11 -1.89 8.27 -30.35
CA GLY K 11 -1.40 8.95 -31.52
C GLY K 11 -2.06 10.30 -31.68
N ARG K 12 -3.27 10.42 -31.15
CA ARG K 12 -4.00 11.67 -31.21
C ARG K 12 -3.22 12.71 -30.43
N SER K 13 -3.59 13.97 -30.62
CA SER K 13 -2.94 15.00 -29.87
C SER K 13 -3.96 16.08 -29.50
N THR K 14 -3.54 16.99 -28.60
CA THR K 14 -4.52 18.04 -28.34
C THR K 14 -4.56 18.98 -29.54
N GLY K 15 -3.53 19.22 -30.32
CA GLY K 15 -3.78 20.15 -31.44
C GLY K 15 -4.47 21.42 -30.90
N ALA K 16 -4.65 22.52 -31.67
CA ALA K 16 -5.24 23.71 -31.05
C ALA K 16 -4.31 24.26 -29.99
N PRO K 17 -4.69 25.30 -29.21
CA PRO K 17 -3.70 25.77 -28.27
C PRO K 17 -3.03 24.62 -27.53
#